data_2E89
#
_entry.id   2E89
#
_cell.length_a   97.420
_cell.length_b   81.570
_cell.length_c   109.110
_cell.angle_alpha   90.00
_cell.angle_beta   105.98
_cell.angle_gamma   90.00
#
_symmetry.space_group_name_H-M   'P 1 21 1'
#
loop_
_entity.id
_entity.type
_entity.pdbx_description
1 polymer 'tRNA(Ile)-lysidine synthase'
2 non-polymer "ADENOSINE-5'-TRIPHOSPHATE"
3 non-polymer LYSINE
4 non-polymer 'MAGNESIUM ION'
5 water water
#
_entity_poly.entity_id   1
_entity_poly.type   'polypeptide(L)'
_entity_poly.pdbx_seq_one_letter_code
;MNPESRVIRKVLALQNDEKIFSGERRVLIAFSGGVDSVVLTDVLLKLKNYFSLKEVALAHFNHMLRESAERDEEFCKEFA
KERNMKIFVGKEDVRAFAKENRMSLEEAGRFLRYKFLKEILESEGFDCIATAHHLNDLLETSLLFFTRGTGLDGLIGFLP
KEEVIRRPLYYVKRSEIEEYAKFKGLRWVEDETNYEVSIPRNRIRHRVIPELKRINENLEDTFLKMVKVLRAEREFLEEE
AQKLYKEVKKGNCLDVKKLKEKPLALQRRVIRKFIGEKDYEKVELVRSLLEKGGEVNLGKGKVLKRKERWLCFSPEV
;
_entity_poly.pdbx_strand_id   A,B,C,D
#
# COMPACT_ATOMS: atom_id res chain seq x y z
N MET A 1 -30.32 -45.03 32.91
CA MET A 1 -29.94 -45.09 31.47
C MET A 1 -28.46 -45.38 31.32
N ASN A 2 -28.12 -46.35 30.49
CA ASN A 2 -26.72 -46.68 30.34
C ASN A 2 -26.07 -45.85 29.24
N PRO A 3 -24.73 -45.93 29.13
CA PRO A 3 -23.95 -45.19 28.13
C PRO A 3 -24.34 -45.51 26.70
N GLU A 4 -24.80 -46.73 26.49
CA GLU A 4 -25.19 -47.12 25.15
C GLU A 4 -26.40 -46.31 24.71
N SER A 5 -27.44 -46.36 25.53
CA SER A 5 -28.67 -45.65 25.20
C SER A 5 -28.53 -44.13 25.24
N ARG A 6 -27.62 -43.63 26.07
CA ARG A 6 -27.42 -42.21 26.12
C ARG A 6 -26.90 -41.67 24.78
N VAL A 7 -26.14 -42.46 24.04
CA VAL A 7 -25.64 -42.04 22.73
C VAL A 7 -26.71 -42.34 21.69
N ILE A 8 -27.21 -43.56 21.71
CA ILE A 8 -28.20 -43.96 20.72
C ILE A 8 -29.46 -43.15 20.77
N ARG A 9 -29.87 -42.73 21.95
CA ARG A 9 -31.05 -41.89 22.02
C ARG A 9 -30.81 -40.54 21.28
N LYS A 10 -29.64 -39.94 21.45
CA LYS A 10 -29.34 -38.67 20.80
C LYS A 10 -29.21 -38.82 19.28
N VAL A 11 -28.73 -39.98 18.84
CA VAL A 11 -28.57 -40.19 17.43
C VAL A 11 -29.93 -40.32 16.81
N LEU A 12 -30.81 -41.05 17.48
CA LEU A 12 -32.16 -41.23 16.98
C LEU A 12 -32.88 -39.88 17.01
N ALA A 13 -32.62 -39.11 18.05
CA ALA A 13 -33.23 -37.78 18.16
C ALA A 13 -32.83 -36.95 16.96
N LEU A 14 -31.54 -36.97 16.62
CA LEU A 14 -31.01 -36.20 15.51
C LEU A 14 -31.69 -36.65 14.25
N GLN A 15 -31.88 -37.96 14.11
CA GLN A 15 -32.53 -38.50 12.91
C GLN A 15 -33.92 -37.96 12.78
N ASN A 16 -34.58 -37.76 13.91
CA ASN A 16 -35.93 -37.25 13.86
C ASN A 16 -35.92 -35.84 13.41
N ASP A 17 -35.13 -35.03 14.10
CA ASP A 17 -35.02 -33.60 13.85
C ASP A 17 -34.48 -33.17 12.50
N GLU A 18 -33.50 -33.90 11.99
CA GLU A 18 -32.84 -33.54 10.74
C GLU A 18 -33.00 -34.51 9.60
N LYS A 19 -33.51 -35.71 9.86
CA LYS A 19 -33.67 -36.69 8.79
C LYS A 19 -32.28 -36.95 8.18
N ILE A 20 -31.39 -37.45 9.03
CA ILE A 20 -30.02 -37.74 8.62
C ILE A 20 -30.02 -38.76 7.49
N PHE A 21 -30.83 -39.80 7.62
CA PHE A 21 -30.93 -40.84 6.59
C PHE A 21 -32.38 -40.87 6.17
N SER A 22 -32.63 -40.65 4.88
CA SER A 22 -33.99 -40.61 4.40
C SER A 22 -34.15 -41.20 3.01
N GLY A 23 -33.30 -42.15 2.68
CA GLY A 23 -33.39 -42.77 1.38
C GLY A 23 -32.03 -43.26 0.95
N GLU A 24 -31.00 -42.62 1.47
CA GLU A 24 -29.64 -43.01 1.17
C GLU A 24 -29.57 -44.50 1.43
N ARG A 25 -28.84 -45.22 0.58
CA ARG A 25 -28.70 -46.66 0.69
C ARG A 25 -27.29 -47.17 1.01
N ARG A 26 -26.26 -46.43 0.61
CA ARG A 26 -24.89 -46.86 0.88
C ARG A 26 -24.16 -45.73 1.59
N VAL A 27 -23.62 -46.04 2.78
CA VAL A 27 -22.93 -45.03 3.59
C VAL A 27 -21.44 -45.27 3.71
N LEU A 28 -20.66 -44.20 3.51
CA LEU A 28 -19.21 -44.26 3.63
C LEU A 28 -18.82 -43.50 4.87
N ILE A 29 -18.14 -44.19 5.78
CA ILE A 29 -17.71 -43.58 7.01
C ILE A 29 -16.30 -43.01 6.90
N ALA A 30 -16.15 -41.76 7.30
CA ALA A 30 -14.88 -41.07 7.30
C ALA A 30 -14.22 -41.65 8.55
N PHE A 31 -13.74 -42.88 8.43
CA PHE A 31 -13.15 -43.59 9.56
C PHE A 31 -11.68 -43.27 9.87
N SER A 32 -11.43 -42.61 10.99
CA SER A 32 -10.05 -42.29 11.39
C SER A 32 -9.42 -43.35 12.31
N GLY A 33 -10.24 -44.13 13.01
CA GLY A 33 -9.69 -45.11 13.93
C GLY A 33 -9.81 -44.54 15.33
N GLY A 34 -10.25 -43.30 15.43
CA GLY A 34 -10.43 -42.68 16.73
C GLY A 34 -11.74 -43.08 17.43
N VAL A 35 -11.82 -42.80 18.73
CA VAL A 35 -12.99 -43.13 19.50
C VAL A 35 -14.27 -42.73 18.83
N ASP A 36 -14.40 -41.45 18.49
CA ASP A 36 -15.62 -41.00 17.85
C ASP A 36 -15.93 -41.79 16.57
N SER A 37 -14.90 -42.11 15.78
CA SER A 37 -15.13 -42.88 14.56
C SER A 37 -15.58 -44.30 14.90
N VAL A 38 -14.93 -44.91 15.89
CA VAL A 38 -15.27 -46.26 16.29
C VAL A 38 -16.66 -46.32 16.85
N VAL A 39 -17.00 -45.36 17.71
CA VAL A 39 -18.34 -45.35 18.25
C VAL A 39 -19.35 -45.01 17.14
N LEU A 40 -18.94 -44.17 16.19
CA LEU A 40 -19.84 -43.82 15.09
C LEU A 40 -20.17 -45.09 14.35
N THR A 41 -19.15 -45.90 14.10
CA THR A 41 -19.38 -47.14 13.37
C THR A 41 -20.20 -48.16 14.16
N ASP A 42 -19.89 -48.32 15.44
CA ASP A 42 -20.63 -49.26 16.29
C ASP A 42 -22.13 -48.89 16.27
N VAL A 43 -22.44 -47.60 16.40
CA VAL A 43 -23.83 -47.14 16.36
C VAL A 43 -24.53 -47.39 15.01
N LEU A 44 -23.89 -47.06 13.89
CA LEU A 44 -24.49 -47.28 12.57
C LEU A 44 -24.69 -48.77 12.21
N LEU A 45 -23.74 -49.65 12.56
CA LEU A 45 -23.96 -51.05 12.24
C LEU A 45 -25.13 -51.57 13.09
N LYS A 46 -25.31 -50.99 14.27
CA LYS A 46 -26.41 -51.41 15.16
C LYS A 46 -27.76 -50.87 14.67
N LEU A 47 -27.74 -49.88 13.79
CA LEU A 47 -28.96 -49.27 13.26
C LEU A 47 -29.07 -49.36 11.74
N LYS A 48 -28.21 -50.19 11.15
CA LYS A 48 -28.15 -50.39 9.71
C LYS A 48 -29.52 -50.61 9.03
N ASN A 49 -30.29 -51.56 9.55
CA ASN A 49 -31.61 -51.84 9.00
C ASN A 49 -32.63 -50.78 9.43
N TYR A 50 -32.45 -50.23 10.63
CA TYR A 50 -33.35 -49.20 11.12
C TYR A 50 -33.30 -48.05 10.11
N PHE A 51 -32.10 -47.72 9.65
CA PHE A 51 -31.89 -46.64 8.69
C PHE A 51 -32.11 -47.09 7.26
N SER A 52 -32.47 -48.36 7.10
CA SER A 52 -32.73 -48.90 5.77
C SER A 52 -31.50 -48.81 4.88
N LEU A 53 -30.33 -49.05 5.44
CA LEU A 53 -29.08 -48.99 4.67
C LEU A 53 -28.76 -50.35 4.06
N LYS A 54 -28.24 -50.35 2.84
CA LYS A 54 -27.89 -51.60 2.20
C LYS A 54 -26.46 -51.96 2.54
N GLU A 55 -25.64 -50.93 2.76
CA GLU A 55 -24.24 -51.18 3.07
C GLU A 55 -23.60 -50.03 3.78
N VAL A 56 -22.71 -50.38 4.70
CA VAL A 56 -21.95 -49.41 5.46
C VAL A 56 -20.48 -49.76 5.27
N ALA A 57 -19.67 -48.78 4.86
CA ALA A 57 -18.26 -49.06 4.66
C ALA A 57 -17.35 -48.02 5.28
N LEU A 58 -16.09 -48.39 5.45
CA LEU A 58 -15.10 -47.51 6.03
C LEU A 58 -14.19 -46.91 4.93
N ALA A 59 -13.64 -45.74 5.22
CA ALA A 59 -12.76 -45.04 4.31
C ALA A 59 -11.76 -44.38 5.23
N HIS A 60 -10.54 -44.86 5.21
CA HIS A 60 -9.49 -44.31 6.06
C HIS A 60 -8.46 -43.59 5.20
N PHE A 61 -7.89 -42.53 5.75
CA PHE A 61 -6.89 -41.75 5.05
C PHE A 61 -5.60 -41.68 5.85
N ASN A 62 -4.51 -42.11 5.22
CA ASN A 62 -3.19 -42.11 5.82
C ASN A 62 -2.46 -40.84 5.37
N HIS A 63 -2.44 -39.82 6.23
CA HIS A 63 -1.80 -38.55 5.91
C HIS A 63 -0.27 -38.65 5.82
N MET A 64 0.28 -39.76 6.34
CA MET A 64 1.72 -40.03 6.31
C MET A 64 2.59 -39.04 7.07
N LEU A 65 1.98 -38.26 7.97
CA LEU A 65 2.71 -37.28 8.77
C LEU A 65 3.50 -37.94 9.89
N ARG A 66 2.80 -38.55 10.85
CA ARG A 66 3.46 -39.22 11.96
C ARG A 66 4.04 -40.53 11.50
N GLU A 67 4.38 -41.34 12.50
CA GLU A 67 4.92 -42.67 12.29
C GLU A 67 3.78 -43.62 12.65
N SER A 68 3.00 -43.23 13.67
CA SER A 68 1.87 -44.01 14.14
C SER A 68 0.86 -44.26 13.03
N ALA A 69 0.82 -43.33 12.08
CA ALA A 69 -0.11 -43.43 10.96
C ALA A 69 -0.04 -44.80 10.30
N GLU A 70 1.15 -45.38 10.25
CA GLU A 70 1.31 -46.70 9.66
C GLU A 70 0.57 -47.67 10.54
N ARG A 71 0.67 -47.43 11.85
CA ARG A 71 0.01 -48.29 12.82
C ARG A 71 -1.50 -47.98 12.85
N ASP A 72 -1.87 -46.70 12.79
CA ASP A 72 -3.28 -46.32 12.77
C ASP A 72 -3.99 -47.05 11.62
N GLU A 73 -3.34 -47.07 10.46
CA GLU A 73 -3.89 -47.72 9.29
C GLU A 73 -4.08 -49.21 9.52
N GLU A 74 -3.15 -49.84 10.23
CA GLU A 74 -3.27 -51.28 10.49
C GLU A 74 -4.51 -51.55 11.34
N PHE A 75 -4.72 -50.70 12.34
CA PHE A 75 -5.87 -50.81 13.23
C PHE A 75 -7.15 -50.80 12.40
N CYS A 76 -7.24 -49.84 11.49
CA CYS A 76 -8.41 -49.71 10.64
C CYS A 76 -8.72 -50.93 9.77
N LYS A 77 -7.71 -51.50 9.12
CA LYS A 77 -7.94 -52.69 8.28
C LYS A 77 -8.42 -53.82 9.21
N GLU A 78 -7.81 -53.91 10.39
CA GLU A 78 -8.15 -54.95 11.37
C GLU A 78 -9.58 -54.75 11.86
N PHE A 79 -9.87 -53.54 12.30
CA PHE A 79 -11.21 -53.18 12.77
C PHE A 79 -12.21 -53.61 11.73
N ALA A 80 -12.00 -53.17 10.49
CA ALA A 80 -12.90 -53.49 9.40
C ALA A 80 -13.12 -55.00 9.25
N LYS A 81 -12.06 -55.78 9.46
CA LYS A 81 -12.15 -57.23 9.34
C LYS A 81 -12.94 -57.83 10.51
N GLU A 82 -12.75 -57.27 11.71
CA GLU A 82 -13.47 -57.75 12.89
C GLU A 82 -14.95 -57.54 12.65
N ARG A 83 -15.29 -56.50 11.88
CA ARG A 83 -16.68 -56.17 11.58
C ARG A 83 -17.18 -56.76 10.29
N ASN A 84 -16.29 -57.41 9.56
CA ASN A 84 -16.68 -57.97 8.27
C ASN A 84 -17.22 -56.85 7.38
N MET A 85 -16.54 -55.71 7.40
CA MET A 85 -16.94 -54.54 6.62
C MET A 85 -15.98 -54.27 5.47
N LYS A 86 -16.47 -53.55 4.48
CA LYS A 86 -15.62 -53.19 3.36
C LYS A 86 -14.85 -51.95 3.86
N ILE A 87 -13.65 -51.74 3.35
CA ILE A 87 -12.86 -50.57 3.73
C ILE A 87 -11.92 -50.15 2.61
N PHE A 88 -11.78 -48.84 2.42
CA PHE A 88 -10.89 -48.26 1.40
C PHE A 88 -9.83 -47.44 2.13
N VAL A 89 -8.56 -47.76 1.91
CA VAL A 89 -7.47 -47.03 2.54
C VAL A 89 -6.85 -46.05 1.52
N GLY A 90 -6.38 -44.90 2.00
CA GLY A 90 -5.79 -43.90 1.14
C GLY A 90 -4.47 -43.37 1.69
N LYS A 91 -3.45 -43.32 0.82
CA LYS A 91 -2.14 -42.83 1.23
C LYS A 91 -1.74 -41.64 0.37
N GLU A 92 -1.36 -40.56 1.05
CA GLU A 92 -0.95 -39.31 0.39
C GLU A 92 -0.04 -38.54 1.37
N ASP A 93 0.85 -37.69 0.84
CA ASP A 93 1.77 -36.93 1.69
C ASP A 93 1.36 -35.47 1.86
N VAL A 94 0.49 -35.21 2.83
CA VAL A 94 0.04 -33.84 3.08
C VAL A 94 1.23 -32.90 2.91
N ARG A 95 2.23 -33.11 3.75
CA ARG A 95 3.48 -32.34 3.78
C ARG A 95 4.06 -31.97 2.40
N ALA A 96 3.81 -32.82 1.40
CA ALA A 96 4.32 -32.59 0.05
C ALA A 96 3.27 -32.02 -0.89
N PHE A 97 2.18 -31.56 -0.32
CA PHE A 97 1.08 -30.96 -1.07
C PHE A 97 0.85 -29.64 -0.33
N ALA A 98 1.26 -29.64 0.93
CA ALA A 98 1.14 -28.49 1.81
C ALA A 98 2.42 -27.67 1.74
N LYS A 99 3.30 -28.07 0.83
CA LYS A 99 4.57 -27.39 0.65
C LYS A 99 4.58 -26.87 -0.78
N GLU A 100 4.19 -27.73 -1.71
CA GLU A 100 4.13 -27.37 -3.11
C GLU A 100 2.79 -26.76 -3.45
N ASN A 101 2.15 -26.16 -2.44
CA ASN A 101 0.87 -25.49 -2.58
C ASN A 101 0.70 -24.48 -1.47
N ARG A 102 1.79 -24.26 -0.72
CA ARG A 102 1.79 -23.31 0.38
C ARG A 102 0.66 -23.65 1.34
N MET A 103 0.82 -24.72 2.11
CA MET A 103 -0.24 -25.11 3.03
C MET A 103 0.21 -25.56 4.41
N SER A 104 -0.64 -25.32 5.40
CA SER A 104 -0.34 -25.76 6.76
C SER A 104 -0.66 -27.24 6.71
N LEU A 105 0.17 -28.05 7.36
CA LEU A 105 -0.03 -29.49 7.39
C LEU A 105 -1.52 -29.79 7.48
N GLU A 106 -2.18 -29.13 8.42
CA GLU A 106 -3.60 -29.27 8.67
C GLU A 106 -4.44 -29.05 7.41
N GLU A 107 -4.73 -27.79 7.11
CA GLU A 107 -5.54 -27.43 5.94
C GLU A 107 -5.32 -28.31 4.71
N ALA A 108 -4.05 -28.62 4.42
CA ALA A 108 -3.72 -29.44 3.26
C ALA A 108 -4.26 -30.86 3.38
N GLY A 109 -4.24 -31.40 4.60
CA GLY A 109 -4.74 -32.75 4.82
C GLY A 109 -6.25 -32.78 4.75
N ARG A 110 -6.87 -31.70 5.22
CA ARG A 110 -8.32 -31.60 5.17
C ARG A 110 -8.75 -31.74 3.73
N PHE A 111 -8.19 -30.89 2.88
CA PHE A 111 -8.52 -30.91 1.46
C PHE A 111 -8.35 -32.30 0.88
N LEU A 112 -7.24 -32.94 1.21
CA LEU A 112 -6.90 -34.26 0.69
C LEU A 112 -7.74 -35.41 1.24
N ARG A 113 -8.08 -35.34 2.53
CA ARG A 113 -8.91 -36.38 3.12
C ARG A 113 -10.24 -36.32 2.38
N TYR A 114 -10.73 -35.11 2.14
CA TYR A 114 -11.99 -34.92 1.44
C TYR A 114 -11.91 -35.34 -0.03
N LYS A 115 -10.90 -34.87 -0.75
CA LYS A 115 -10.76 -35.25 -2.15
C LYS A 115 -10.92 -36.75 -2.31
N PHE A 116 -10.22 -37.49 -1.44
CA PHE A 116 -10.23 -38.96 -1.45
C PHE A 116 -11.62 -39.52 -1.15
N LEU A 117 -12.31 -38.88 -0.21
CA LEU A 117 -13.64 -39.30 0.18
C LEU A 117 -14.61 -39.03 -0.97
N LYS A 118 -14.58 -37.81 -1.53
CA LYS A 118 -15.44 -37.47 -2.67
C LYS A 118 -15.15 -38.53 -3.72
N GLU A 119 -13.86 -38.81 -3.89
CA GLU A 119 -13.38 -39.80 -4.84
C GLU A 119 -14.07 -41.14 -4.59
N ILE A 120 -13.84 -41.71 -3.41
CA ILE A 120 -14.42 -43.01 -3.02
C ILE A 120 -15.94 -43.05 -3.22
N LEU A 121 -16.58 -41.94 -2.91
CA LEU A 121 -18.03 -41.81 -3.02
C LEU A 121 -18.56 -41.93 -4.45
N GLU A 122 -18.28 -40.92 -5.28
CA GLU A 122 -18.76 -40.89 -6.66
C GLU A 122 -18.27 -42.05 -7.53
N SER A 123 -17.09 -42.57 -7.23
CA SER A 123 -16.53 -43.68 -8.01
C SER A 123 -17.13 -45.03 -7.63
N GLU A 124 -17.23 -45.30 -6.34
CA GLU A 124 -17.76 -46.57 -5.87
C GLU A 124 -19.29 -46.55 -5.69
N GLY A 125 -19.87 -45.40 -5.96
CA GLY A 125 -21.32 -45.29 -5.89
C GLY A 125 -21.98 -45.25 -4.52
N PHE A 126 -21.44 -44.44 -3.61
CA PHE A 126 -22.06 -44.30 -2.29
C PHE A 126 -22.94 -43.06 -2.34
N ASP A 127 -23.97 -43.05 -1.53
CA ASP A 127 -24.91 -41.94 -1.50
C ASP A 127 -24.47 -40.81 -0.58
N CYS A 128 -23.67 -41.13 0.44
CA CYS A 128 -23.25 -40.10 1.35
C CYS A 128 -22.05 -40.51 2.19
N ILE A 129 -21.49 -39.52 2.88
CA ILE A 129 -20.36 -39.72 3.76
C ILE A 129 -20.75 -39.34 5.18
N ALA A 130 -20.50 -40.25 6.12
CA ALA A 130 -20.80 -40.00 7.53
C ALA A 130 -19.51 -39.71 8.26
N THR A 131 -19.52 -38.64 9.04
CA THR A 131 -18.37 -38.18 9.80
C THR A 131 -18.65 -38.32 11.29
N ALA A 132 -17.61 -38.32 12.11
CA ALA A 132 -17.77 -38.46 13.55
C ALA A 132 -17.80 -37.15 14.34
N HIS A 133 -18.09 -36.04 13.67
CA HIS A 133 -18.16 -34.77 14.34
C HIS A 133 -19.18 -34.86 15.46
N HIS A 134 -18.86 -34.28 16.61
CA HIS A 134 -19.79 -34.37 17.71
C HIS A 134 -20.04 -33.02 18.35
N LEU A 135 -20.80 -33.02 19.42
CA LEU A 135 -21.14 -31.76 20.06
C LEU A 135 -19.98 -30.92 20.55
N ASN A 136 -18.88 -31.54 20.96
CA ASN A 136 -17.75 -30.73 21.43
C ASN A 136 -16.99 -30.10 20.26
N ASP A 137 -16.97 -30.79 19.12
CA ASP A 137 -16.29 -30.23 17.95
C ASP A 137 -17.05 -28.94 17.60
N LEU A 138 -18.38 -29.04 17.60
CA LEU A 138 -19.19 -27.88 17.28
C LEU A 138 -18.97 -26.74 18.30
N LEU A 139 -18.76 -27.05 19.57
CA LEU A 139 -18.53 -26.00 20.57
C LEU A 139 -17.20 -25.30 20.27
N GLU A 140 -16.15 -26.08 20.02
CA GLU A 140 -14.83 -25.54 19.69
C GLU A 140 -14.84 -24.73 18.40
N THR A 141 -15.43 -25.29 17.37
CA THR A 141 -15.54 -24.61 16.09
C THR A 141 -16.21 -23.25 16.30
N SER A 142 -17.43 -23.28 16.87
CA SER A 142 -18.19 -22.07 17.10
C SER A 142 -17.36 -21.04 17.86
N LEU A 143 -16.75 -21.48 18.94
CA LEU A 143 -15.95 -20.60 19.75
C LEU A 143 -14.74 -20.09 18.95
N LEU A 144 -14.26 -20.88 17.99
CA LEU A 144 -13.13 -20.42 17.20
C LEU A 144 -13.57 -19.26 16.32
N PHE A 145 -14.70 -19.43 15.64
CA PHE A 145 -15.17 -18.35 14.78
C PHE A 145 -15.48 -17.11 15.60
N PHE A 146 -16.00 -17.31 16.81
CA PHE A 146 -16.27 -16.18 17.68
C PHE A 146 -14.93 -15.47 17.88
N THR A 147 -13.91 -16.24 18.25
CA THR A 147 -12.57 -15.67 18.45
C THR A 147 -12.06 -14.99 17.20
N ARG A 148 -11.99 -15.73 16.11
CA ARG A 148 -11.49 -15.18 14.86
C ARG A 148 -12.30 -14.05 14.28
N GLY A 149 -13.54 -13.89 14.73
CA GLY A 149 -14.37 -12.83 14.19
C GLY A 149 -15.38 -13.45 13.26
N THR A 150 -16.65 -13.16 13.49
CA THR A 150 -17.65 -13.77 12.65
C THR A 150 -19.04 -13.23 12.87
N GLY A 151 -19.99 -13.89 12.21
CA GLY A 151 -21.40 -13.56 12.30
C GLY A 151 -22.13 -14.83 12.71
N LEU A 152 -23.33 -15.03 12.20
CA LEU A 152 -24.09 -16.21 12.56
C LEU A 152 -23.51 -17.52 12.00
N ASP A 153 -23.02 -17.51 10.77
CA ASP A 153 -22.44 -18.70 10.16
C ASP A 153 -21.46 -19.44 11.06
N GLY A 154 -20.48 -18.69 11.55
CA GLY A 154 -19.47 -19.24 12.41
C GLY A 154 -20.05 -19.66 13.74
N LEU A 155 -20.94 -18.85 14.29
CA LEU A 155 -21.55 -19.16 15.58
C LEU A 155 -22.35 -20.45 15.46
N ILE A 156 -22.96 -20.69 14.30
CA ILE A 156 -23.74 -21.92 14.05
C ILE A 156 -22.77 -23.08 13.92
N GLY A 157 -21.71 -22.88 13.14
CA GLY A 157 -20.71 -23.91 12.95
C GLY A 157 -21.19 -24.77 11.82
N PHE A 158 -20.82 -26.05 11.85
CA PHE A 158 -21.25 -26.95 10.82
C PHE A 158 -22.66 -27.47 11.14
N LEU A 159 -23.35 -27.99 10.12
CA LEU A 159 -24.70 -28.51 10.32
C LEU A 159 -24.70 -30.03 10.41
N PRO A 160 -25.78 -30.61 10.96
CA PRO A 160 -25.87 -32.07 11.08
C PRO A 160 -25.82 -32.79 9.74
N LYS A 161 -26.19 -32.07 8.69
CA LYS A 161 -26.22 -32.61 7.33
C LYS A 161 -26.06 -31.49 6.31
N GLU A 162 -25.04 -31.60 5.45
CA GLU A 162 -24.75 -30.58 4.43
C GLU A 162 -24.32 -31.26 3.13
N GLU A 163 -25.15 -31.22 2.12
CA GLU A 163 -24.82 -31.87 0.90
C GLU A 163 -24.57 -33.29 1.17
N VAL A 164 -23.47 -33.71 0.70
CA VAL A 164 -23.09 -35.11 0.78
C VAL A 164 -22.62 -35.64 2.15
N ILE A 165 -22.41 -34.75 3.10
CA ILE A 165 -21.95 -35.16 4.41
C ILE A 165 -23.08 -35.29 5.44
N ARG A 166 -22.91 -36.26 6.34
CA ARG A 166 -23.85 -36.56 7.40
C ARG A 166 -23.07 -36.71 8.71
N ARG A 167 -23.53 -36.06 9.77
CA ARG A 167 -22.87 -36.17 11.05
C ARG A 167 -23.84 -36.67 12.15
N PRO A 168 -24.04 -38.00 12.23
CA PRO A 168 -24.90 -38.70 13.19
C PRO A 168 -24.69 -38.41 14.68
N LEU A 169 -23.47 -38.07 15.07
CA LEU A 169 -23.17 -37.77 16.46
C LEU A 169 -23.26 -36.27 16.78
N TYR A 170 -23.86 -35.48 15.89
CA TYR A 170 -24.01 -34.04 16.13
C TYR A 170 -24.42 -33.66 17.57
N TYR A 171 -25.37 -34.39 18.17
CA TYR A 171 -25.84 -34.06 19.54
C TYR A 171 -25.01 -34.64 20.67
N VAL A 172 -24.20 -35.63 20.35
CA VAL A 172 -23.40 -36.33 21.35
C VAL A 172 -22.16 -35.59 21.87
N LYS A 173 -22.00 -35.57 23.19
CA LYS A 173 -20.84 -34.93 23.79
C LYS A 173 -19.67 -35.91 23.70
N ARG A 174 -18.46 -35.37 23.67
CA ARG A 174 -17.26 -36.20 23.63
C ARG A 174 -17.27 -37.19 24.82
N SER A 175 -17.53 -36.69 26.03
CA SER A 175 -17.54 -37.56 27.21
C SER A 175 -18.53 -38.72 27.05
N GLU A 176 -19.66 -38.46 26.41
CA GLU A 176 -20.62 -39.54 26.20
C GLU A 176 -20.08 -40.54 25.18
N ILE A 177 -19.33 -40.05 24.20
CA ILE A 177 -18.73 -40.93 23.17
C ILE A 177 -17.70 -41.78 23.88
N GLU A 178 -16.91 -41.15 24.73
CA GLU A 178 -15.89 -41.84 25.49
C GLU A 178 -16.47 -42.91 26.41
N GLU A 179 -17.51 -42.57 27.16
CA GLU A 179 -18.14 -43.51 28.08
C GLU A 179 -18.73 -44.71 27.33
N TYR A 180 -19.28 -44.48 26.15
CA TYR A 180 -19.88 -45.57 25.39
C TYR A 180 -18.84 -46.53 24.85
N ALA A 181 -17.69 -46.00 24.43
CA ALA A 181 -16.63 -46.86 23.91
C ALA A 181 -16.09 -47.75 25.05
N LYS A 182 -16.00 -47.19 26.26
CA LYS A 182 -15.54 -47.95 27.40
C LYS A 182 -16.61 -48.99 27.79
N PHE A 183 -17.85 -48.55 27.93
CA PHE A 183 -18.95 -49.43 28.31
C PHE A 183 -19.02 -50.67 27.43
N LYS A 184 -18.96 -50.47 26.12
CA LYS A 184 -19.02 -51.61 25.23
C LYS A 184 -17.62 -52.27 25.07
N GLY A 185 -16.64 -51.79 25.82
CA GLY A 185 -15.30 -52.35 25.73
C GLY A 185 -14.76 -52.33 24.31
N LEU A 186 -14.80 -51.18 23.64
CA LEU A 186 -14.29 -51.07 22.28
C LEU A 186 -12.82 -50.66 22.33
N ARG A 187 -12.10 -50.92 21.26
CA ARG A 187 -10.70 -50.53 21.19
C ARG A 187 -10.61 -49.50 20.11
N TRP A 188 -9.70 -48.54 20.27
CA TRP A 188 -9.52 -47.46 19.30
C TRP A 188 -8.12 -46.84 19.44
N VAL A 189 -7.83 -45.83 18.62
CA VAL A 189 -6.53 -45.16 18.69
C VAL A 189 -6.67 -43.80 19.39
N GLU A 190 -5.73 -43.52 20.28
CA GLU A 190 -5.69 -42.29 21.10
C GLU A 190 -5.61 -41.00 20.30
N ASP A 191 -5.66 -39.87 21.00
CA ASP A 191 -5.66 -38.54 20.38
C ASP A 191 -4.28 -37.87 20.34
N GLU A 192 -3.55 -37.92 19.22
CA GLU A 192 -2.23 -37.29 19.23
C GLU A 192 -1.99 -35.90 18.65
N THR A 193 -2.98 -35.05 18.90
CA THR A 193 -2.98 -33.63 18.65
C THR A 193 -3.44 -33.43 20.09
N ASN A 194 -3.08 -34.44 20.90
CA ASN A 194 -3.44 -34.53 22.31
C ASN A 194 -3.07 -33.38 23.16
N TYR A 195 -2.48 -32.36 22.57
CA TYR A 195 -2.08 -31.21 23.34
C TYR A 195 -1.02 -30.48 22.59
N GLU A 196 -1.33 -30.12 21.36
CA GLU A 196 -0.41 -29.37 20.54
C GLU A 196 -1.10 -28.02 20.53
N VAL A 197 -1.32 -27.54 21.76
CA VAL A 197 -1.96 -26.28 22.09
C VAL A 197 -1.55 -25.11 21.21
N SER A 198 -0.65 -25.35 20.26
CA SER A 198 -0.20 -24.30 19.35
C SER A 198 -1.27 -24.02 18.32
N ILE A 199 -2.13 -25.01 18.09
CA ILE A 199 -3.25 -24.89 17.17
C ILE A 199 -4.46 -24.37 17.97
N PRO A 200 -5.11 -23.31 17.47
CA PRO A 200 -6.28 -22.66 18.09
C PRO A 200 -7.38 -23.61 18.60
N ARG A 201 -7.92 -24.42 17.70
CA ARG A 201 -8.95 -25.35 18.10
C ARG A 201 -8.50 -26.09 19.35
N ASN A 202 -7.26 -26.58 19.34
CA ASN A 202 -6.70 -27.31 20.47
C ASN A 202 -6.53 -26.44 21.73
N ARG A 203 -6.16 -25.17 21.54
CA ARG A 203 -6.02 -24.28 22.67
C ARG A 203 -7.44 -24.10 23.27
N ILE A 204 -8.41 -23.89 22.40
CA ILE A 204 -9.80 -23.73 22.82
C ILE A 204 -10.28 -24.97 23.58
N ARG A 205 -10.01 -26.13 23.03
CA ARG A 205 -10.41 -27.39 23.64
C ARG A 205 -9.78 -27.74 24.97
N HIS A 206 -8.46 -27.53 25.07
CA HIS A 206 -7.71 -27.86 26.29
C HIS A 206 -7.56 -26.74 27.30
N ARG A 207 -7.59 -25.50 26.83
CA ARG A 207 -7.43 -24.38 27.74
C ARG A 207 -8.58 -23.39 27.87
N VAL A 208 -9.56 -23.43 26.97
CA VAL A 208 -10.64 -22.47 27.10
C VAL A 208 -11.89 -23.10 27.64
N ILE A 209 -12.35 -24.13 26.93
CA ILE A 209 -13.54 -24.83 27.33
C ILE A 209 -13.50 -25.29 28.79
N PRO A 210 -12.41 -25.96 29.21
CA PRO A 210 -12.34 -26.43 30.60
C PRO A 210 -12.57 -25.32 31.63
N GLU A 211 -12.26 -24.07 31.24
CA GLU A 211 -12.46 -22.92 32.12
C GLU A 211 -13.92 -22.51 32.13
N LEU A 212 -14.52 -22.50 30.94
CA LEU A 212 -15.91 -22.13 30.76
C LEU A 212 -16.77 -23.12 31.50
N LYS A 213 -16.31 -24.37 31.54
CA LYS A 213 -17.05 -25.41 32.23
C LYS A 213 -16.96 -25.20 33.74
N ARG A 214 -15.95 -24.46 34.19
CA ARG A 214 -15.85 -24.20 35.60
C ARG A 214 -16.91 -23.17 35.96
N ILE A 215 -17.60 -22.65 34.94
CA ILE A 215 -18.65 -21.66 35.13
C ILE A 215 -19.99 -22.33 34.93
N ASN A 216 -20.06 -23.19 33.93
CA ASN A 216 -21.28 -23.91 33.60
C ASN A 216 -20.86 -25.29 33.13
N GLU A 217 -21.06 -26.30 33.99
CA GLU A 217 -20.69 -27.68 33.68
C GLU A 217 -21.48 -28.30 32.56
N ASN A 218 -22.60 -27.70 32.20
CA ASN A 218 -23.42 -28.24 31.13
C ASN A 218 -23.39 -27.29 29.94
N LEU A 219 -22.20 -26.76 29.72
CA LEU A 219 -21.94 -25.83 28.64
C LEU A 219 -22.35 -26.43 27.31
N GLU A 220 -21.94 -27.67 27.04
CA GLU A 220 -22.32 -28.30 25.77
C GLU A 220 -23.84 -28.31 25.56
N ASP A 221 -24.59 -28.68 26.60
CA ASP A 221 -26.04 -28.74 26.48
C ASP A 221 -26.63 -27.35 26.31
N THR A 222 -26.15 -26.42 27.11
CA THR A 222 -26.58 -25.03 27.03
C THR A 222 -26.19 -24.49 25.65
N PHE A 223 -25.01 -24.89 25.16
CA PHE A 223 -24.53 -24.46 23.87
C PHE A 223 -25.45 -24.96 22.74
N LEU A 224 -25.90 -26.20 22.85
CA LEU A 224 -26.77 -26.77 21.81
C LEU A 224 -28.07 -25.98 21.55
N LYS A 225 -28.75 -25.58 22.64
CA LYS A 225 -29.98 -24.80 22.50
C LYS A 225 -29.75 -23.48 21.77
N MET A 226 -28.65 -22.80 22.07
CA MET A 226 -28.35 -21.54 21.39
C MET A 226 -28.19 -21.75 19.88
N VAL A 227 -27.57 -22.84 19.47
CA VAL A 227 -27.38 -23.09 18.04
C VAL A 227 -28.72 -23.33 17.33
N LYS A 228 -29.61 -24.05 17.99
CA LYS A 228 -30.92 -24.31 17.41
C LYS A 228 -31.67 -22.99 17.19
N VAL A 229 -31.58 -22.08 18.15
CA VAL A 229 -32.27 -20.82 17.96
C VAL A 229 -31.65 -20.08 16.78
N LEU A 230 -30.34 -19.92 16.81
CA LEU A 230 -29.65 -19.22 15.74
C LEU A 230 -29.81 -19.84 14.35
N ARG A 231 -29.64 -21.15 14.21
CA ARG A 231 -29.82 -21.75 12.89
C ARG A 231 -31.12 -21.25 12.24
N ALA A 232 -32.18 -21.19 13.03
CA ALA A 232 -33.46 -20.76 12.53
C ALA A 232 -33.49 -19.30 12.11
N GLU A 233 -32.97 -18.42 12.95
CA GLU A 233 -32.97 -17.01 12.64
C GLU A 233 -32.10 -16.73 11.43
N ARG A 234 -31.04 -17.51 11.30
CA ARG A 234 -30.12 -17.37 10.18
C ARG A 234 -30.86 -17.80 8.92
N GLU A 235 -31.46 -18.98 8.98
CA GLU A 235 -32.21 -19.52 7.86
C GLU A 235 -33.21 -18.48 7.33
N PHE A 236 -33.91 -17.84 8.27
CA PHE A 236 -34.90 -16.83 7.92
C PHE A 236 -34.29 -15.61 7.21
N LEU A 237 -33.26 -15.04 7.81
CA LEU A 237 -32.60 -13.88 7.23
C LEU A 237 -32.04 -14.20 5.84
N GLU A 238 -31.40 -15.37 5.70
CA GLU A 238 -30.82 -15.81 4.43
C GLU A 238 -31.95 -16.02 3.42
N GLU A 239 -33.12 -16.35 3.94
CA GLU A 239 -34.27 -16.59 3.09
C GLU A 239 -34.74 -15.23 2.61
N GLU A 240 -34.87 -14.29 3.53
CA GLU A 240 -35.27 -12.94 3.15
C GLU A 240 -34.22 -12.35 2.23
N ALA A 241 -32.97 -12.69 2.49
CA ALA A 241 -31.84 -12.20 1.70
C ALA A 241 -32.04 -12.46 0.21
N GLN A 242 -32.31 -13.71 -0.16
CA GLN A 242 -32.53 -14.03 -1.57
C GLN A 242 -33.72 -13.22 -2.06
N LYS A 243 -34.77 -13.11 -1.25
CA LYS A 243 -35.96 -12.37 -1.68
C LYS A 243 -35.48 -11.02 -2.21
N LEU A 244 -34.75 -10.30 -1.37
CA LEU A 244 -34.25 -8.98 -1.74
C LEU A 244 -33.18 -8.99 -2.83
N TYR A 245 -32.25 -9.93 -2.77
CA TYR A 245 -31.19 -10.01 -3.76
C TYR A 245 -31.74 -9.92 -5.16
N LYS A 246 -32.59 -10.88 -5.50
CA LYS A 246 -33.20 -10.92 -6.83
C LYS A 246 -34.14 -9.75 -7.04
N GLU A 247 -34.72 -9.27 -5.96
CA GLU A 247 -35.64 -8.14 -6.00
C GLU A 247 -34.86 -6.88 -6.36
N VAL A 248 -33.58 -7.05 -6.67
CA VAL A 248 -32.51 -6.07 -6.65
C VAL A 248 -31.36 -6.05 -7.64
N LYS A 249 -30.94 -7.13 -8.16
CA LYS A 249 -29.94 -7.17 -9.16
C LYS A 249 -30.42 -7.06 -10.50
N LYS A 250 -29.70 -6.36 -11.31
CA LYS A 250 -29.93 -6.41 -12.68
C LYS A 250 -28.84 -6.81 -13.33
N GLY A 251 -28.94 -8.00 -13.61
CA GLY A 251 -27.82 -8.64 -14.24
C GLY A 251 -26.52 -8.53 -13.50
N ASN A 252 -25.75 -7.49 -13.81
CA ASN A 252 -24.44 -7.32 -13.21
C ASN A 252 -24.30 -6.12 -12.25
N CYS A 253 -25.43 -5.49 -11.89
CA CYS A 253 -25.42 -4.34 -10.97
C CYS A 253 -26.53 -4.46 -9.92
N LEU A 254 -26.51 -3.55 -8.94
CA LEU A 254 -27.50 -3.51 -7.88
C LEU A 254 -28.23 -2.16 -7.88
N ASP A 255 -29.55 -2.22 -7.67
CA ASP A 255 -30.37 -1.03 -7.64
C ASP A 255 -30.28 -0.34 -6.28
N VAL A 256 -29.41 0.65 -6.17
CA VAL A 256 -29.22 1.37 -4.93
C VAL A 256 -30.50 1.88 -4.31
N LYS A 257 -31.24 2.67 -5.08
CA LYS A 257 -32.47 3.25 -4.60
C LYS A 257 -33.45 2.27 -3.93
N LYS A 258 -33.64 1.10 -4.54
CA LYS A 258 -34.54 0.11 -3.96
C LYS A 258 -33.93 -0.55 -2.70
N LEU A 259 -32.63 -0.77 -2.73
CA LEU A 259 -31.91 -1.41 -1.63
C LEU A 259 -31.63 -0.43 -0.49
N LYS A 260 -31.72 0.86 -0.79
CA LYS A 260 -31.42 1.92 0.18
C LYS A 260 -32.37 2.01 1.37
N GLU A 261 -33.61 1.60 1.17
CA GLU A 261 -34.61 1.68 2.23
C GLU A 261 -35.06 0.31 2.70
N LYS A 262 -34.13 -0.63 2.65
CA LYS A 262 -34.37 -2.00 3.10
C LYS A 262 -33.59 -2.14 4.41
N PRO A 263 -33.97 -3.09 5.27
CA PRO A 263 -33.28 -3.29 6.55
C PRO A 263 -31.76 -3.57 6.41
N LEU A 264 -30.99 -2.87 7.26
CA LEU A 264 -29.55 -2.99 7.28
C LEU A 264 -29.09 -4.44 7.27
N ALA A 265 -29.69 -5.24 8.15
CA ALA A 265 -29.33 -6.63 8.23
C ALA A 265 -29.36 -7.25 6.85
N LEU A 266 -30.38 -6.92 6.08
CA LEU A 266 -30.56 -7.46 4.75
C LEU A 266 -29.67 -6.82 3.70
N GLN A 267 -29.49 -5.50 3.80
CA GLN A 267 -28.62 -4.82 2.84
C GLN A 267 -27.26 -5.49 2.89
N ARG A 268 -26.77 -5.75 4.11
CA ARG A 268 -25.48 -6.39 4.30
C ARG A 268 -25.40 -7.82 3.77
N ARG A 269 -26.50 -8.55 3.86
CA ARG A 269 -26.53 -9.92 3.36
C ARG A 269 -26.47 -9.88 1.84
N VAL A 270 -27.13 -8.88 1.27
CA VAL A 270 -27.16 -8.69 -0.18
C VAL A 270 -25.79 -8.31 -0.71
N ILE A 271 -25.18 -7.26 -0.15
CA ILE A 271 -23.85 -6.83 -0.58
C ILE A 271 -22.91 -8.04 -0.53
N ARG A 272 -22.89 -8.69 0.62
CA ARG A 272 -22.07 -9.86 0.87
C ARG A 272 -22.14 -10.85 -0.30
N LYS A 273 -23.34 -11.09 -0.79
CA LYS A 273 -23.54 -12.01 -1.90
C LYS A 273 -23.18 -11.43 -3.27
N PHE A 274 -23.48 -10.16 -3.47
CA PHE A 274 -23.18 -9.46 -4.72
C PHE A 274 -21.67 -9.42 -5.00
N ILE A 275 -20.91 -9.14 -3.93
CA ILE A 275 -19.47 -9.00 -4.04
C ILE A 275 -18.65 -10.24 -3.72
N GLY A 276 -19.27 -11.23 -3.09
CA GLY A 276 -18.55 -12.44 -2.76
C GLY A 276 -17.44 -12.21 -1.75
N GLU A 277 -17.77 -11.47 -0.69
CA GLU A 277 -16.82 -11.19 0.38
C GLU A 277 -17.65 -11.14 1.65
N LYS A 278 -17.09 -11.65 2.75
CA LYS A 278 -17.82 -11.66 4.02
C LYS A 278 -17.24 -10.64 4.98
N ASP A 279 -16.09 -10.10 4.62
CA ASP A 279 -15.44 -9.13 5.47
C ASP A 279 -16.35 -7.97 5.84
N TYR A 280 -16.35 -7.62 7.12
CA TYR A 280 -17.19 -6.54 7.60
C TYR A 280 -16.88 -5.19 6.95
N GLU A 281 -15.61 -4.80 6.87
CA GLU A 281 -15.25 -3.51 6.28
C GLU A 281 -15.54 -3.43 4.78
N LYS A 282 -15.29 -4.50 4.05
CA LYS A 282 -15.57 -4.46 2.62
C LYS A 282 -17.06 -4.22 2.41
N VAL A 283 -17.86 -4.87 3.24
CA VAL A 283 -19.30 -4.73 3.18
C VAL A 283 -19.71 -3.30 3.44
N GLU A 284 -19.19 -2.73 4.51
CA GLU A 284 -19.54 -1.36 4.84
C GLU A 284 -19.12 -0.39 3.75
N LEU A 285 -17.98 -0.67 3.11
CA LEU A 285 -17.47 0.16 2.04
C LEU A 285 -18.50 0.23 0.94
N VAL A 286 -18.86 -0.93 0.42
CA VAL A 286 -19.85 -0.99 -0.62
C VAL A 286 -21.15 -0.38 -0.15
N ARG A 287 -21.49 -0.60 1.12
CA ARG A 287 -22.73 -0.06 1.65
C ARG A 287 -22.74 1.47 1.60
N SER A 288 -21.61 2.07 1.96
CA SER A 288 -21.51 3.52 1.92
C SER A 288 -21.91 4.04 0.53
N LEU A 289 -21.61 3.28 -0.52
CA LEU A 289 -21.95 3.73 -1.86
C LEU A 289 -23.46 3.81 -2.11
N LEU A 290 -24.25 3.46 -1.10
CA LEU A 290 -25.69 3.52 -1.24
C LEU A 290 -26.20 4.94 -1.10
N GLU A 291 -25.52 5.73 -0.28
CA GLU A 291 -25.88 7.12 -0.05
C GLU A 291 -24.93 8.04 -0.83
N LYS A 292 -23.64 7.79 -0.61
CA LYS A 292 -22.56 8.54 -1.25
C LYS A 292 -22.28 7.98 -2.63
N GLY A 293 -21.94 8.85 -3.57
CA GLY A 293 -21.64 8.38 -4.92
C GLY A 293 -20.14 8.24 -5.05
N GLY A 294 -19.67 7.29 -5.84
CA GLY A 294 -18.23 7.15 -5.98
C GLY A 294 -17.69 5.76 -6.21
N GLU A 295 -16.45 5.55 -5.80
CA GLU A 295 -15.78 4.27 -5.98
C GLU A 295 -15.20 3.67 -4.70
N VAL A 296 -15.04 2.35 -4.73
CA VAL A 296 -14.48 1.59 -3.62
C VAL A 296 -13.69 0.42 -4.18
N ASN A 297 -12.47 0.23 -3.70
CA ASN A 297 -11.66 -0.89 -4.17
C ASN A 297 -11.58 -1.93 -3.05
N LEU A 298 -11.90 -3.18 -3.35
CA LEU A 298 -11.88 -4.19 -2.33
C LEU A 298 -10.63 -5.06 -2.29
N GLY A 299 -10.26 -5.69 -3.40
CA GLY A 299 -9.09 -6.54 -3.38
C GLY A 299 -8.61 -7.06 -4.72
N LYS A 300 -8.99 -8.28 -5.07
CA LYS A 300 -8.60 -8.85 -6.35
C LYS A 300 -9.17 -8.04 -7.50
N GLY A 301 -8.93 -6.73 -7.48
CA GLY A 301 -9.44 -5.88 -8.53
C GLY A 301 -10.94 -5.70 -8.41
N LYS A 302 -11.47 -6.03 -7.23
CA LYS A 302 -12.89 -5.87 -6.99
C LYS A 302 -13.17 -4.40 -6.70
N VAL A 303 -13.48 -3.66 -7.76
CA VAL A 303 -13.77 -2.24 -7.66
C VAL A 303 -15.26 -2.04 -8.00
N LEU A 304 -15.95 -1.28 -7.15
CA LEU A 304 -17.38 -1.02 -7.34
C LEU A 304 -17.71 0.47 -7.40
N LYS A 305 -18.61 0.85 -8.30
CA LYS A 305 -19.00 2.25 -8.45
C LYS A 305 -20.50 2.45 -8.66
N ARG A 306 -20.92 3.65 -8.52
CA ARG A 306 -22.26 4.06 -8.54
C ARG A 306 -22.68 4.76 -9.69
N LYS A 307 -23.31 4.18 -10.66
CA LYS A 307 -24.06 5.01 -11.54
C LYS A 307 -25.13 5.85 -11.31
N GLU A 308 -26.18 5.46 -10.87
CA GLU A 308 -26.58 6.34 -9.98
C GLU A 308 -27.78 5.89 -9.56
N ARG A 309 -28.27 4.93 -10.18
CA ARG A 309 -29.31 4.28 -9.53
C ARG A 309 -28.62 3.02 -9.41
N TRP A 310 -27.47 2.86 -9.97
CA TRP A 310 -26.88 1.59 -9.84
C TRP A 310 -25.60 1.49 -9.19
N LEU A 311 -25.25 0.32 -8.69
CA LEU A 311 -23.97 0.11 -8.02
C LEU A 311 -23.27 -1.13 -8.57
N CYS A 312 -22.27 -0.92 -9.40
CA CYS A 312 -21.64 -1.99 -10.18
C CYS A 312 -20.15 -2.19 -9.97
N PHE A 313 -19.63 -3.14 -10.72
CA PHE A 313 -18.20 -3.47 -10.72
C PHE A 313 -17.61 -2.69 -11.88
N SER A 314 -16.44 -2.11 -11.68
CA SER A 314 -15.81 -1.41 -12.78
C SER A 314 -15.14 -2.49 -13.60
N PRO A 315 -15.29 -2.44 -14.92
CA PRO A 315 -14.71 -3.44 -15.82
C PRO A 315 -13.21 -3.30 -16.07
N GLU A 316 -12.61 -2.19 -15.61
CA GLU A 316 -11.19 -1.93 -15.82
C GLU A 316 -10.28 -2.95 -15.15
N VAL A 317 -9.20 -3.29 -15.85
CA VAL A 317 -8.18 -4.27 -15.44
C VAL A 317 -8.61 -5.70 -15.79
N MET B 1 -1.47 10.37 16.74
CA MET B 1 -2.65 10.35 17.65
C MET B 1 -2.18 10.04 19.08
N ASN B 2 -2.72 10.75 20.06
CA ASN B 2 -2.33 10.51 21.45
C ASN B 2 -3.41 9.74 22.20
N PRO B 3 -3.08 9.20 23.39
CA PRO B 3 -4.04 8.45 24.18
C PRO B 3 -5.36 9.19 24.44
N GLU B 4 -5.38 10.51 24.30
CA GLU B 4 -6.61 11.27 24.54
C GLU B 4 -7.48 11.36 23.29
N SER B 5 -6.87 11.78 22.18
CA SER B 5 -7.60 11.92 20.94
C SER B 5 -8.12 10.55 20.51
N ARG B 6 -7.38 9.50 20.86
CA ARG B 6 -7.76 8.13 20.50
C ARG B 6 -9.15 7.82 21.09
N VAL B 7 -9.30 8.03 22.39
CA VAL B 7 -10.55 7.80 23.13
C VAL B 7 -11.64 8.79 22.71
N ILE B 8 -11.29 10.08 22.69
CA ILE B 8 -12.22 11.12 22.28
C ILE B 8 -12.88 10.82 20.95
N ARG B 9 -12.10 10.41 19.95
CA ARG B 9 -12.70 10.13 18.64
C ARG B 9 -13.67 8.95 18.67
N LYS B 10 -13.38 7.96 19.52
CA LYS B 10 -14.28 6.81 19.62
C LYS B 10 -15.58 7.25 20.32
N VAL B 11 -15.50 8.21 21.23
CA VAL B 11 -16.71 8.69 21.90
C VAL B 11 -17.49 9.55 20.91
N LEU B 12 -16.80 10.38 20.14
CA LEU B 12 -17.48 11.25 19.16
C LEU B 12 -18.13 10.38 18.08
N ALA B 13 -17.48 9.25 17.77
CA ALA B 13 -18.00 8.30 16.78
C ALA B 13 -19.19 7.55 17.33
N LEU B 14 -19.17 7.24 18.62
CA LEU B 14 -20.30 6.54 19.22
C LEU B 14 -21.46 7.54 19.27
N GLN B 15 -21.16 8.80 19.55
CA GLN B 15 -22.22 9.81 19.60
C GLN B 15 -22.81 10.00 18.22
N ASN B 16 -21.93 9.97 17.20
CA ASN B 16 -22.39 10.17 15.83
C ASN B 16 -23.20 8.97 15.36
N ASP B 17 -22.76 7.78 15.78
CA ASP B 17 -23.41 6.52 15.42
C ASP B 17 -24.67 6.16 16.20
N GLU B 18 -24.82 6.69 17.40
CA GLU B 18 -25.97 6.31 18.24
C GLU B 18 -26.77 7.43 18.88
N LYS B 19 -26.30 8.67 18.77
CA LYS B 19 -27.02 9.78 19.37
C LYS B 19 -27.16 9.56 20.89
N ILE B 20 -26.03 9.20 21.51
CA ILE B 20 -25.98 8.97 22.96
C ILE B 20 -26.65 10.12 23.69
N PHE B 21 -26.19 11.33 23.39
CA PHE B 21 -26.78 12.54 23.97
C PHE B 21 -27.48 13.26 22.83
N SER B 22 -28.70 13.75 23.08
CA SER B 22 -29.42 14.42 22.00
C SER B 22 -30.53 15.29 22.54
N GLY B 23 -30.32 15.82 23.73
CA GLY B 23 -31.33 16.67 24.32
C GLY B 23 -31.17 16.67 25.82
N GLU B 24 -30.44 15.69 26.35
CA GLU B 24 -30.23 15.62 27.79
C GLU B 24 -29.44 16.83 28.22
N ARG B 25 -29.74 17.31 29.42
CA ARG B 25 -29.07 18.48 29.96
C ARG B 25 -28.24 18.19 31.22
N ARG B 26 -28.70 17.24 32.02
CA ARG B 26 -27.95 16.94 33.23
C ARG B 26 -27.61 15.45 33.36
N VAL B 27 -26.32 15.16 33.25
CA VAL B 27 -25.81 13.79 33.31
C VAL B 27 -25.37 13.43 34.71
N LEU B 28 -25.80 12.27 35.19
CA LEU B 28 -25.37 11.81 36.51
C LEU B 28 -24.43 10.67 36.20
N ILE B 29 -23.20 10.74 36.70
CA ILE B 29 -22.24 9.70 36.43
C ILE B 29 -22.17 8.65 37.52
N ALA B 30 -22.33 7.40 37.13
CA ALA B 30 -22.21 6.28 38.06
C ALA B 30 -20.71 6.16 38.34
N PHE B 31 -20.24 6.92 39.32
CA PHE B 31 -18.84 7.01 39.69
C PHE B 31 -18.33 6.05 40.78
N SER B 32 -17.53 5.08 40.38
CA SER B 32 -16.95 4.09 41.30
C SER B 32 -15.64 4.58 41.87
N GLY B 33 -15.02 5.53 41.19
CA GLY B 33 -13.73 5.99 41.61
C GLY B 33 -12.65 5.23 40.82
N GLY B 34 -13.03 4.25 40.02
CA GLY B 34 -12.03 3.49 39.26
C GLY B 34 -11.56 4.20 38.00
N VAL B 35 -10.59 3.63 37.29
CA VAL B 35 -10.11 4.28 36.07
C VAL B 35 -11.20 4.68 35.10
N ASP B 36 -12.00 3.72 34.66
CA ASP B 36 -13.06 4.03 33.70
C ASP B 36 -13.95 5.14 34.16
N SER B 37 -14.33 5.12 35.44
CA SER B 37 -15.18 6.18 35.96
C SER B 37 -14.44 7.48 35.70
N VAL B 38 -13.20 7.52 36.18
CA VAL B 38 -12.35 8.70 36.08
C VAL B 38 -12.14 9.19 34.65
N VAL B 39 -11.95 8.29 33.71
CA VAL B 39 -11.75 8.71 32.34
C VAL B 39 -13.10 9.12 31.74
N LEU B 40 -14.17 8.53 32.25
CA LEU B 40 -15.48 8.85 31.74
C LEU B 40 -15.77 10.26 32.13
N THR B 41 -15.48 10.57 33.39
CA THR B 41 -15.74 11.88 33.92
C THR B 41 -14.94 12.93 33.20
N ASP B 42 -13.66 12.64 32.98
CA ASP B 42 -12.76 13.55 32.29
C ASP B 42 -13.21 13.81 30.86
N VAL B 43 -13.76 12.79 30.21
CA VAL B 43 -14.22 12.96 28.83
C VAL B 43 -15.54 13.73 28.75
N LEU B 44 -16.39 13.61 29.76
CA LEU B 44 -17.66 14.33 29.74
C LEU B 44 -17.42 15.78 30.07
N LEU B 45 -16.50 16.04 30.97
CA LEU B 45 -16.24 17.41 31.31
C LEU B 45 -15.62 18.12 30.11
N LYS B 46 -14.80 17.40 29.36
CA LYS B 46 -14.17 17.97 28.18
C LYS B 46 -15.14 18.13 27.00
N LEU B 47 -16.11 17.23 26.88
CA LEU B 47 -17.08 17.30 25.80
C LEU B 47 -18.45 17.84 26.25
N LYS B 48 -18.47 18.46 27.42
CA LYS B 48 -19.70 18.98 27.98
C LYS B 48 -20.43 19.91 27.02
N ASN B 49 -19.77 20.98 26.61
CA ASN B 49 -20.37 21.95 25.70
C ASN B 49 -20.65 21.30 24.37
N TYR B 50 -19.71 20.55 23.83
CA TYR B 50 -19.95 19.90 22.56
C TYR B 50 -21.31 19.21 22.59
N PHE B 51 -21.61 18.50 23.67
CA PHE B 51 -22.89 17.78 23.79
C PHE B 51 -24.04 18.66 24.27
N SER B 52 -23.74 19.93 24.54
CA SER B 52 -24.77 20.88 24.99
C SER B 52 -25.28 20.51 26.39
N LEU B 53 -24.39 20.07 27.27
CA LEU B 53 -24.76 19.67 28.62
C LEU B 53 -24.66 20.83 29.59
N LYS B 54 -25.69 21.01 30.42
CA LYS B 54 -25.67 22.08 31.41
C LYS B 54 -24.95 21.61 32.66
N GLU B 55 -25.01 20.32 32.94
CA GLU B 55 -24.35 19.85 34.15
C GLU B 55 -23.96 18.37 34.08
N VAL B 56 -22.85 18.05 34.72
CA VAL B 56 -22.33 16.71 34.82
C VAL B 56 -22.07 16.50 36.31
N ALA B 57 -22.59 15.45 36.91
CA ALA B 57 -22.33 15.26 38.33
C ALA B 57 -21.97 13.81 38.61
N LEU B 58 -21.43 13.56 39.80
CA LEU B 58 -21.03 12.24 40.20
C LEU B 58 -21.93 11.63 41.28
N ALA B 59 -22.15 10.33 41.14
CA ALA B 59 -22.95 9.56 42.09
C ALA B 59 -22.06 8.40 42.49
N HIS B 60 -21.77 8.31 43.78
CA HIS B 60 -20.94 7.22 44.25
C HIS B 60 -21.66 6.47 45.36
N PHE B 61 -21.70 5.15 45.19
CA PHE B 61 -22.35 4.26 46.13
C PHE B 61 -21.32 3.48 46.96
N ASN B 62 -21.42 3.60 48.28
CA ASN B 62 -20.50 2.88 49.13
C ASN B 62 -21.14 1.56 49.48
N HIS B 63 -20.67 0.49 48.84
CA HIS B 63 -21.21 -0.86 49.07
C HIS B 63 -20.87 -1.41 50.46
N MET B 64 -19.98 -0.73 51.17
CA MET B 64 -19.57 -1.14 52.51
C MET B 64 -18.94 -2.54 52.56
N LEU B 65 -18.57 -3.08 51.40
CA LEU B 65 -17.98 -4.41 51.33
C LEU B 65 -16.48 -4.41 51.64
N ARG B 66 -15.74 -3.58 50.90
CA ARG B 66 -14.29 -3.50 51.06
C ARG B 66 -13.82 -2.57 52.17
N GLU B 67 -12.64 -2.87 52.70
CA GLU B 67 -12.08 -2.08 53.79
C GLU B 67 -11.63 -0.67 53.38
N SER B 68 -11.32 -0.48 52.11
CA SER B 68 -10.88 0.81 51.63
C SER B 68 -12.08 1.74 51.41
N ALA B 69 -13.27 1.16 51.35
CA ALA B 69 -14.51 1.92 51.14
C ALA B 69 -14.44 3.37 51.61
N GLU B 70 -14.46 3.56 52.92
CA GLU B 70 -14.41 4.92 53.47
C GLU B 70 -13.43 5.80 52.74
N ARG B 71 -12.17 5.33 52.68
CA ARG B 71 -11.09 6.04 52.04
C ARG B 71 -11.45 6.41 50.60
N ASP B 72 -11.94 5.44 49.86
CA ASP B 72 -12.29 5.66 48.47
C ASP B 72 -13.38 6.71 48.32
N GLU B 73 -14.39 6.62 49.18
CA GLU B 73 -15.49 7.56 49.15
C GLU B 73 -14.86 8.96 49.23
N GLU B 74 -13.94 9.11 50.17
CA GLU B 74 -13.23 10.36 50.39
C GLU B 74 -12.54 10.79 49.12
N PHE B 75 -11.78 9.89 48.48
CA PHE B 75 -11.09 10.21 47.25
C PHE B 75 -12.08 10.76 46.24
N CYS B 76 -13.25 10.13 46.22
CA CYS B 76 -14.34 10.49 45.32
C CYS B 76 -14.85 11.91 45.54
N LYS B 77 -14.98 12.29 46.80
CA LYS B 77 -15.45 13.63 47.09
C LYS B 77 -14.35 14.59 46.67
N GLU B 78 -13.11 14.24 47.00
CA GLU B 78 -12.00 15.09 46.63
C GLU B 78 -11.93 15.19 45.11
N PHE B 79 -12.23 14.10 44.41
CA PHE B 79 -12.20 14.13 42.95
C PHE B 79 -13.26 15.14 42.46
N ALA B 80 -14.37 15.17 43.19
CA ALA B 80 -15.46 16.05 42.86
C ALA B 80 -15.08 17.49 43.15
N LYS B 81 -14.58 17.73 44.35
CA LYS B 81 -14.17 19.06 44.77
C LYS B 81 -13.13 19.59 43.78
N GLU B 82 -12.23 18.73 43.35
CA GLU B 82 -11.18 19.10 42.41
C GLU B 82 -11.74 19.68 41.11
N ARG B 83 -12.79 19.05 40.59
CA ARG B 83 -13.36 19.51 39.34
C ARG B 83 -14.57 20.39 39.57
N ASN B 84 -14.78 20.78 40.83
CA ASN B 84 -15.94 21.60 41.20
C ASN B 84 -17.25 20.97 40.70
N MET B 85 -17.45 19.70 41.02
CA MET B 85 -18.67 19.01 40.61
C MET B 85 -19.42 18.58 41.84
N LYS B 86 -20.72 18.38 41.66
CA LYS B 86 -21.56 17.91 42.74
C LYS B 86 -21.25 16.42 42.84
N ILE B 87 -21.47 15.87 44.02
CA ILE B 87 -21.24 14.47 44.23
C ILE B 87 -22.28 14.06 45.23
N PHE B 88 -23.01 13.01 44.87
CA PHE B 88 -24.01 12.46 45.78
C PHE B 88 -23.45 11.11 46.15
N VAL B 89 -23.50 10.82 47.45
CA VAL B 89 -22.98 9.56 47.93
C VAL B 89 -23.98 8.75 48.77
N GLY B 90 -24.22 7.53 48.31
CA GLY B 90 -25.10 6.61 48.99
C GLY B 90 -24.31 5.49 49.65
N LYS B 91 -24.85 4.97 50.74
CA LYS B 91 -24.20 3.91 51.50
C LYS B 91 -25.29 3.01 52.04
N GLU B 92 -25.05 1.71 51.95
CA GLU B 92 -25.99 0.69 52.41
C GLU B 92 -25.17 -0.56 52.72
N ASP B 93 -25.68 -1.41 53.62
CA ASP B 93 -24.99 -2.64 54.00
C ASP B 93 -25.30 -3.78 53.05
N VAL B 94 -24.90 -3.66 51.79
CA VAL B 94 -25.13 -4.70 50.79
C VAL B 94 -25.17 -6.06 51.46
N ARG B 95 -24.05 -6.41 52.09
CA ARG B 95 -23.88 -7.68 52.77
C ARG B 95 -25.16 -8.12 53.48
N ALA B 96 -25.62 -7.28 54.41
CA ALA B 96 -26.83 -7.56 55.16
C ALA B 96 -28.05 -7.62 54.26
N PHE B 97 -28.19 -6.63 53.39
CA PHE B 97 -29.34 -6.59 52.48
C PHE B 97 -29.51 -7.93 51.75
N ALA B 98 -28.40 -8.56 51.42
CA ALA B 98 -28.44 -9.84 50.71
C ALA B 98 -28.94 -10.98 51.59
N LYS B 99 -28.46 -11.02 52.84
CA LYS B 99 -28.85 -12.07 53.77
C LYS B 99 -30.32 -11.99 54.17
N GLU B 100 -30.84 -10.78 54.37
CA GLU B 100 -32.24 -10.62 54.74
C GLU B 100 -33.08 -10.47 53.47
N ASN B 101 -32.64 -11.12 52.39
CA ASN B 101 -33.36 -11.05 51.12
C ASN B 101 -33.01 -12.15 50.12
N ARG B 102 -32.05 -13.01 50.48
CA ARG B 102 -31.63 -14.12 49.62
C ARG B 102 -30.95 -13.69 48.34
N MET B 103 -29.90 -12.90 48.50
CA MET B 103 -29.16 -12.44 47.34
C MET B 103 -27.68 -12.66 47.53
N SER B 104 -27.02 -13.04 46.44
CA SER B 104 -25.59 -13.21 46.47
C SER B 104 -25.13 -11.77 46.64
N LEU B 105 -23.87 -11.47 46.39
CA LEU B 105 -23.47 -10.08 46.56
C LEU B 105 -23.52 -9.29 45.26
N GLU B 106 -23.31 -9.96 44.13
CA GLU B 106 -23.38 -9.28 42.84
C GLU B 106 -24.73 -8.60 42.69
N GLU B 107 -25.78 -9.37 42.95
CA GLU B 107 -27.14 -8.87 42.83
C GLU B 107 -27.45 -7.77 43.84
N ALA B 108 -27.13 -8.00 45.11
CA ALA B 108 -27.41 -7.01 46.14
C ALA B 108 -26.89 -5.64 45.73
N GLY B 109 -25.56 -5.50 45.61
CA GLY B 109 -24.99 -4.24 45.21
C GLY B 109 -25.74 -3.68 44.01
N ARG B 110 -25.77 -4.46 42.93
CA ARG B 110 -26.48 -4.05 41.73
C ARG B 110 -27.81 -3.38 42.10
N PHE B 111 -28.67 -4.12 42.79
CA PHE B 111 -29.98 -3.61 43.16
C PHE B 111 -29.91 -2.26 43.86
N LEU B 112 -29.22 -2.22 45.00
CA LEU B 112 -29.11 -0.99 45.76
C LEU B 112 -28.45 0.14 44.96
N ARG B 113 -27.40 -0.21 44.22
CA ARG B 113 -26.69 0.76 43.40
C ARG B 113 -27.67 1.48 42.47
N TYR B 114 -28.21 0.74 41.51
CA TYR B 114 -29.14 1.32 40.56
C TYR B 114 -30.32 2.00 41.26
N LYS B 115 -30.77 1.46 42.39
CA LYS B 115 -31.88 2.09 43.11
C LYS B 115 -31.45 3.49 43.54
N PHE B 116 -30.26 3.55 44.12
CA PHE B 116 -29.65 4.78 44.58
C PHE B 116 -29.53 5.81 43.45
N LEU B 117 -29.14 5.31 42.28
CA LEU B 117 -28.95 6.14 41.11
C LEU B 117 -30.27 6.67 40.58
N LYS B 118 -31.32 5.86 40.62
CA LYS B 118 -32.62 6.33 40.15
C LYS B 118 -33.22 7.34 41.12
N GLU B 119 -32.88 7.25 42.40
CA GLU B 119 -33.40 8.18 43.38
C GLU B 119 -32.74 9.54 43.24
N ILE B 120 -31.43 9.52 43.02
CA ILE B 120 -30.69 10.75 42.85
C ILE B 120 -31.20 11.36 41.56
N LEU B 121 -31.31 10.55 40.53
CA LEU B 121 -31.81 11.01 39.25
C LEU B 121 -33.11 11.82 39.39
N GLU B 122 -34.03 11.31 40.19
CA GLU B 122 -35.33 11.94 40.39
C GLU B 122 -35.36 13.09 41.40
N SER B 123 -34.83 12.86 42.58
CA SER B 123 -34.84 13.87 43.63
C SER B 123 -33.82 14.99 43.37
N GLU B 124 -32.96 14.79 42.38
CA GLU B 124 -31.97 15.80 42.05
C GLU B 124 -32.27 16.38 40.70
N GLY B 125 -33.22 15.78 40.00
CA GLY B 125 -33.61 16.29 38.71
C GLY B 125 -32.56 16.13 37.65
N PHE B 126 -32.21 14.88 37.37
CA PHE B 126 -31.23 14.58 36.33
C PHE B 126 -31.96 13.83 35.22
N ASP B 127 -31.49 14.02 33.99
CA ASP B 127 -32.10 13.42 32.81
C ASP B 127 -31.63 11.99 32.50
N CYS B 128 -30.35 11.70 32.78
CA CYS B 128 -29.83 10.37 32.48
C CYS B 128 -28.63 10.00 33.32
N ILE B 129 -28.25 8.75 33.23
CA ILE B 129 -27.15 8.21 34.00
C ILE B 129 -26.10 7.73 33.03
N ALA B 130 -24.86 8.16 33.24
CA ALA B 130 -23.76 7.74 32.37
C ALA B 130 -22.91 6.74 33.12
N THR B 131 -22.80 5.57 32.52
CA THR B 131 -22.03 4.49 33.07
C THR B 131 -20.69 4.37 32.33
N ALA B 132 -19.73 3.76 33.00
CA ALA B 132 -18.40 3.63 32.43
C ALA B 132 -18.11 2.33 31.71
N HIS B 133 -19.15 1.60 31.35
CA HIS B 133 -18.92 0.36 30.63
C HIS B 133 -18.08 0.60 29.38
N HIS B 134 -17.29 -0.40 29.02
CA HIS B 134 -16.46 -0.26 27.83
C HIS B 134 -16.49 -1.52 26.97
N LEU B 135 -15.75 -1.49 25.88
CA LEU B 135 -15.73 -2.63 24.97
C LEU B 135 -15.29 -3.93 25.66
N ASN B 136 -14.36 -3.85 26.61
CA ASN B 136 -13.92 -5.06 27.28
C ASN B 136 -14.98 -5.60 28.23
N ASP B 137 -15.84 -4.74 28.77
CA ASP B 137 -16.93 -5.24 29.62
C ASP B 137 -17.89 -5.97 28.65
N LEU B 138 -18.12 -5.33 27.51
CA LEU B 138 -19.00 -5.90 26.53
C LEU B 138 -18.51 -7.31 26.15
N LEU B 139 -17.24 -7.41 25.75
CA LEU B 139 -16.63 -8.69 25.38
C LEU B 139 -16.73 -9.69 26.53
N GLU B 140 -16.45 -9.24 27.75
CA GLU B 140 -16.57 -10.16 28.88
C GLU B 140 -18.01 -10.57 29.08
N THR B 141 -18.92 -9.60 28.92
CA THR B 141 -20.37 -9.83 29.09
C THR B 141 -20.92 -10.84 28.12
N SER B 142 -20.62 -10.66 26.84
CA SER B 142 -21.10 -11.56 25.82
C SER B 142 -20.55 -12.99 25.99
N LEU B 143 -19.32 -13.13 26.48
CA LEU B 143 -18.75 -14.46 26.70
C LEU B 143 -19.46 -15.12 27.88
N LEU B 144 -19.85 -14.32 28.88
CA LEU B 144 -20.55 -14.86 30.03
C LEU B 144 -21.89 -15.42 29.56
N PHE B 145 -22.55 -14.70 28.65
CA PHE B 145 -23.84 -15.15 28.13
C PHE B 145 -23.72 -16.36 27.26
N PHE B 146 -22.62 -16.45 26.53
CA PHE B 146 -22.39 -17.56 25.63
C PHE B 146 -22.14 -18.80 26.48
N THR B 147 -21.66 -18.59 27.70
CA THR B 147 -21.33 -19.69 28.61
C THR B 147 -22.55 -20.18 29.39
N ARG B 148 -23.37 -19.24 29.86
CA ARG B 148 -24.54 -19.58 30.63
C ARG B 148 -25.75 -19.92 29.79
N GLY B 149 -25.66 -19.77 28.49
CA GLY B 149 -26.82 -20.05 27.65
C GLY B 149 -27.40 -18.75 27.16
N THR B 150 -27.71 -18.66 25.87
CA THR B 150 -28.20 -17.40 25.34
C THR B 150 -28.65 -17.41 23.88
N GLY B 151 -29.07 -16.24 23.42
CA GLY B 151 -29.50 -16.02 22.05
C GLY B 151 -28.87 -14.71 21.60
N LEU B 152 -29.41 -14.07 20.57
CA LEU B 152 -28.85 -12.79 20.11
C LEU B 152 -28.69 -11.78 21.22
N ASP B 153 -29.74 -11.59 22.01
CA ASP B 153 -29.74 -10.66 23.13
C ASP B 153 -28.48 -10.72 23.98
N GLY B 154 -28.08 -11.93 24.37
CA GLY B 154 -26.92 -12.09 25.23
C GLY B 154 -25.62 -11.81 24.51
N LEU B 155 -25.55 -12.33 23.30
CA LEU B 155 -24.38 -12.16 22.46
C LEU B 155 -24.09 -10.66 22.24
N ILE B 156 -25.15 -9.88 22.01
CA ILE B 156 -25.04 -8.44 21.80
C ILE B 156 -24.56 -7.71 23.06
N GLY B 157 -25.00 -8.18 24.23
CA GLY B 157 -24.59 -7.52 25.46
C GLY B 157 -25.39 -6.26 25.67
N PHE B 158 -24.90 -5.38 26.52
CA PHE B 158 -25.62 -4.15 26.77
C PHE B 158 -25.48 -3.26 25.55
N LEU B 159 -26.32 -2.24 25.47
CA LEU B 159 -26.29 -1.30 24.35
C LEU B 159 -25.72 0.04 24.81
N PRO B 160 -25.35 0.92 23.86
CA PRO B 160 -24.82 2.22 24.27
C PRO B 160 -25.87 3.10 24.95
N LYS B 161 -27.11 2.98 24.50
CA LYS B 161 -28.20 3.75 25.07
C LYS B 161 -29.32 2.77 25.38
N GLU B 162 -29.69 2.72 26.65
CA GLU B 162 -30.73 1.83 27.11
C GLU B 162 -31.54 2.55 28.15
N GLU B 163 -32.66 3.10 27.79
CA GLU B 163 -33.52 3.73 28.75
C GLU B 163 -32.73 4.85 29.22
N VAL B 164 -32.82 5.05 30.48
CA VAL B 164 -32.15 6.12 31.18
C VAL B 164 -30.61 6.06 31.30
N ILE B 165 -30.02 4.93 30.92
CA ILE B 165 -28.57 4.76 30.99
C ILE B 165 -27.76 5.05 29.71
N ARG B 166 -26.61 5.71 29.86
CA ARG B 166 -25.73 6.03 28.73
C ARG B 166 -24.34 5.44 28.98
N ARG B 167 -23.73 4.93 27.91
CA ARG B 167 -22.41 4.32 28.01
C ARG B 167 -21.45 4.89 26.95
N PRO B 168 -20.97 6.10 27.15
CA PRO B 168 -20.06 6.77 26.21
C PRO B 168 -18.75 6.05 25.82
N LEU B 169 -18.25 5.14 26.65
CA LEU B 169 -17.01 4.42 26.35
C LEU B 169 -17.26 3.04 25.78
N TYR B 170 -18.45 2.86 25.24
CA TYR B 170 -18.84 1.60 24.67
C TYR B 170 -17.82 1.06 23.65
N TYR B 171 -17.26 1.93 22.81
CA TYR B 171 -16.30 1.51 21.77
C TYR B 171 -14.88 1.46 22.32
N VAL B 172 -14.67 2.01 23.49
CA VAL B 172 -13.31 2.04 24.02
C VAL B 172 -12.83 0.81 24.78
N LYS B 173 -11.58 0.44 24.53
CA LYS B 173 -10.93 -0.71 25.17
C LYS B 173 -10.39 -0.29 26.52
N ARG B 174 -10.26 -1.26 27.44
CA ARG B 174 -9.73 -0.97 28.76
C ARG B 174 -8.30 -0.48 28.61
N SER B 175 -7.56 -1.01 27.65
CA SER B 175 -6.17 -0.58 27.45
C SER B 175 -6.10 0.91 27.10
N GLU B 176 -6.98 1.37 26.19
CA GLU B 176 -7.03 2.76 25.77
C GLU B 176 -7.40 3.63 26.98
N ILE B 177 -8.33 3.13 27.78
CA ILE B 177 -8.74 3.87 28.97
C ILE B 177 -7.55 4.02 29.92
N GLU B 178 -6.73 2.98 30.04
CA GLU B 178 -5.58 3.04 30.93
C GLU B 178 -4.51 4.01 30.40
N GLU B 179 -4.30 4.03 29.08
CA GLU B 179 -3.31 4.95 28.52
C GLU B 179 -3.82 6.39 28.70
N TYR B 180 -5.11 6.57 28.45
CA TYR B 180 -5.72 7.87 28.61
C TYR B 180 -5.42 8.42 30.00
N ALA B 181 -5.70 7.61 31.02
CA ALA B 181 -5.49 8.05 32.37
C ALA B 181 -4.04 8.42 32.69
N LYS B 182 -3.10 7.62 32.18
CA LYS B 182 -1.68 7.90 32.43
C LYS B 182 -1.31 9.21 31.73
N PHE B 183 -1.69 9.31 30.46
CA PHE B 183 -1.42 10.49 29.65
C PHE B 183 -1.87 11.80 30.33
N LYS B 184 -3.15 11.88 30.67
CA LYS B 184 -3.74 13.08 31.30
C LYS B 184 -3.39 13.21 32.78
N GLY B 185 -2.54 12.30 33.27
CA GLY B 185 -2.14 12.34 34.65
C GLY B 185 -3.26 12.28 35.68
N LEU B 186 -4.23 11.40 35.43
CA LEU B 186 -5.38 11.26 36.32
C LEU B 186 -5.13 10.33 37.49
N ARG B 187 -5.96 10.46 38.52
CA ARG B 187 -5.82 9.62 39.71
C ARG B 187 -7.07 8.76 39.80
N TRP B 188 -6.95 7.56 40.36
CA TRP B 188 -8.10 6.69 40.47
C TRP B 188 -8.01 5.66 41.58
N VAL B 189 -9.07 4.89 41.75
CA VAL B 189 -9.11 3.92 42.81
C VAL B 189 -8.73 2.53 42.31
N GLU B 190 -8.12 1.75 43.19
CA GLU B 190 -7.66 0.41 42.88
C GLU B 190 -8.80 -0.61 42.82
N ASP B 191 -8.81 -1.39 41.75
CA ASP B 191 -9.83 -2.41 41.58
C ASP B 191 -9.40 -3.69 42.31
N GLU B 192 -9.83 -3.83 43.57
CA GLU B 192 -9.44 -5.01 44.35
C GLU B 192 -10.33 -6.21 44.10
N THR B 193 -10.99 -6.19 42.95
CA THR B 193 -11.88 -7.26 42.56
C THR B 193 -11.43 -7.90 41.23
N ASN B 194 -10.17 -7.68 40.86
CA ASN B 194 -9.61 -8.26 39.63
C ASN B 194 -9.44 -9.75 39.96
N TYR B 195 -8.56 -9.98 40.93
CA TYR B 195 -8.26 -11.29 41.50
C TYR B 195 -9.30 -12.35 41.24
N GLU B 196 -9.96 -12.59 42.37
CA GLU B 196 -11.04 -13.51 42.60
C GLU B 196 -11.60 -14.12 41.33
N VAL B 197 -10.98 -15.21 40.91
CA VAL B 197 -11.42 -15.90 39.71
C VAL B 197 -12.71 -16.64 40.00
N SER B 198 -13.11 -16.64 41.27
CA SER B 198 -14.35 -17.29 41.68
C SER B 198 -15.47 -16.56 40.94
N ILE B 199 -15.27 -15.26 40.73
CA ILE B 199 -16.24 -14.45 40.00
C ILE B 199 -16.07 -14.79 38.51
N PRO B 200 -17.09 -15.40 37.90
CA PRO B 200 -17.09 -15.79 36.49
C PRO B 200 -16.54 -14.71 35.54
N ARG B 201 -17.02 -13.48 35.74
CA ARG B 201 -16.62 -12.35 34.93
C ARG B 201 -15.09 -12.22 34.91
N ASN B 202 -14.49 -12.36 36.09
CA ASN B 202 -13.04 -12.25 36.25
C ASN B 202 -12.33 -13.47 35.71
N ARG B 203 -12.97 -14.62 35.78
CA ARG B 203 -12.36 -15.83 35.25
C ARG B 203 -12.31 -15.66 33.74
N ILE B 204 -13.34 -15.06 33.16
CA ILE B 204 -13.36 -14.83 31.71
C ILE B 204 -12.32 -13.77 31.37
N ARG B 205 -12.31 -12.74 32.19
CA ARG B 205 -11.41 -11.62 32.01
C ARG B 205 -9.95 -12.05 32.12
N HIS B 206 -9.64 -12.85 33.13
CA HIS B 206 -8.26 -13.26 33.36
C HIS B 206 -7.77 -14.58 32.76
N ARG B 207 -8.64 -15.55 32.59
CA ARG B 207 -8.24 -16.84 32.06
C ARG B 207 -8.70 -17.08 30.63
N VAL B 208 -9.94 -16.74 30.34
CA VAL B 208 -10.48 -16.96 29.02
C VAL B 208 -9.99 -15.98 27.96
N ILE B 209 -10.23 -14.70 28.20
CA ILE B 209 -9.86 -13.73 27.21
C ILE B 209 -8.38 -13.77 26.80
N PRO B 210 -7.47 -13.93 27.77
CA PRO B 210 -6.04 -13.98 27.50
C PRO B 210 -5.65 -15.09 26.53
N GLU B 211 -6.32 -16.24 26.66
CA GLU B 211 -6.09 -17.38 25.80
C GLU B 211 -6.61 -17.07 24.42
N LEU B 212 -7.75 -16.39 24.35
CA LEU B 212 -8.32 -16.02 23.07
C LEU B 212 -7.46 -15.02 22.29
N LYS B 213 -6.77 -14.13 23.00
CA LYS B 213 -5.98 -13.15 22.31
C LYS B 213 -4.71 -13.75 21.75
N ARG B 214 -4.43 -15.00 22.13
CA ARG B 214 -3.26 -15.66 21.61
C ARG B 214 -3.64 -16.25 20.28
N ILE B 215 -4.93 -16.20 19.97
CA ILE B 215 -5.41 -16.71 18.69
C ILE B 215 -5.62 -15.49 17.81
N ASN B 216 -6.15 -14.45 18.43
CA ASN B 216 -6.42 -13.21 17.73
C ASN B 216 -6.18 -12.08 18.70
N GLU B 217 -5.08 -11.37 18.51
CA GLU B 217 -4.74 -10.26 19.42
C GLU B 217 -5.67 -9.08 19.24
N ASN B 218 -6.47 -9.10 18.18
CA ASN B 218 -7.40 -8.02 17.89
C ASN B 218 -8.84 -8.33 18.28
N LEU B 219 -8.97 -9.31 19.18
CA LEU B 219 -10.25 -9.80 19.69
C LEU B 219 -11.32 -8.74 19.90
N GLU B 220 -11.01 -7.70 20.66
CA GLU B 220 -12.02 -6.69 20.92
C GLU B 220 -12.60 -5.98 19.70
N ASP B 221 -11.75 -5.58 18.77
CA ASP B 221 -12.24 -4.84 17.62
C ASP B 221 -13.06 -5.74 16.73
N THR B 222 -12.58 -6.96 16.64
CA THR B 222 -13.24 -8.00 15.87
C THR B 222 -14.59 -8.39 16.51
N PHE B 223 -14.63 -8.38 17.83
CA PHE B 223 -15.85 -8.68 18.56
C PHE B 223 -16.88 -7.57 18.24
N LEU B 224 -16.42 -6.32 18.29
CA LEU B 224 -17.28 -5.18 17.99
C LEU B 224 -17.96 -5.30 16.63
N LYS B 225 -17.18 -5.64 15.60
CA LYS B 225 -17.74 -5.78 14.28
C LYS B 225 -18.84 -6.81 14.34
N MET B 226 -18.59 -7.90 15.05
CA MET B 226 -19.61 -8.92 15.18
C MET B 226 -20.88 -8.39 15.84
N VAL B 227 -20.72 -7.66 16.93
CA VAL B 227 -21.87 -7.08 17.65
C VAL B 227 -22.75 -6.20 16.74
N LYS B 228 -22.11 -5.31 15.97
CA LYS B 228 -22.86 -4.40 15.09
C LYS B 228 -23.69 -5.19 14.12
N VAL B 229 -23.10 -6.26 13.60
CA VAL B 229 -23.82 -7.10 12.67
C VAL B 229 -25.00 -7.74 13.41
N LEU B 230 -24.70 -8.43 14.50
CA LEU B 230 -25.74 -9.10 15.26
C LEU B 230 -26.84 -8.12 15.63
N ARG B 231 -26.49 -6.90 16.00
CA ARG B 231 -27.50 -5.91 16.37
C ARG B 231 -28.52 -5.60 15.28
N ALA B 232 -28.08 -5.37 14.06
CA ALA B 232 -29.02 -5.05 12.99
C ALA B 232 -29.80 -6.29 12.60
N GLU B 233 -29.17 -7.45 12.73
CA GLU B 233 -29.90 -8.65 12.39
C GLU B 233 -30.99 -8.84 13.44
N ARG B 234 -30.66 -8.58 14.70
CA ARG B 234 -31.60 -8.74 15.80
C ARG B 234 -32.73 -7.72 15.71
N GLU B 235 -32.43 -6.57 15.12
CA GLU B 235 -33.44 -5.52 14.97
C GLU B 235 -34.50 -5.97 13.99
N PHE B 236 -34.04 -6.60 12.92
CA PHE B 236 -34.93 -7.05 11.85
C PHE B 236 -35.82 -8.19 12.27
N LEU B 237 -35.29 -9.08 13.10
CA LEU B 237 -36.04 -10.22 13.60
C LEU B 237 -37.14 -9.76 14.57
N GLU B 238 -36.83 -8.83 15.48
CA GLU B 238 -37.84 -8.34 16.42
C GLU B 238 -38.96 -7.57 15.72
N GLU B 239 -38.62 -6.83 14.66
CA GLU B 239 -39.58 -6.06 13.88
C GLU B 239 -40.50 -7.02 13.13
N GLU B 240 -39.90 -8.03 12.51
CA GLU B 240 -40.67 -9.00 11.76
C GLU B 240 -41.50 -9.83 12.73
N ALA B 241 -41.02 -9.92 13.96
CA ALA B 241 -41.70 -10.66 15.01
C ALA B 241 -42.89 -9.88 15.53
N GLN B 242 -42.86 -8.56 15.38
CA GLN B 242 -43.97 -7.73 15.80
C GLN B 242 -45.12 -7.90 14.79
N LYS B 243 -44.80 -7.73 13.52
CA LYS B 243 -45.79 -7.88 12.44
C LYS B 243 -46.56 -9.16 12.60
N LEU B 244 -45.84 -10.26 12.82
CA LEU B 244 -46.45 -11.57 12.97
C LEU B 244 -47.28 -11.73 14.24
N TYR B 245 -46.83 -11.16 15.36
CA TYR B 245 -47.56 -11.25 16.61
C TYR B 245 -48.92 -10.58 16.42
N LYS B 246 -48.96 -9.56 15.57
CA LYS B 246 -50.18 -8.82 15.31
C LYS B 246 -51.06 -9.47 14.25
N GLU B 247 -50.45 -10.16 13.29
CA GLU B 247 -51.18 -10.83 12.22
C GLU B 247 -51.80 -12.16 12.70
N VAL B 248 -51.31 -12.70 13.82
CA VAL B 248 -51.79 -13.97 14.32
C VAL B 248 -52.52 -13.92 15.67
N LYS B 249 -52.09 -13.05 16.57
CA LYS B 249 -52.77 -12.96 17.86
C LYS B 249 -54.08 -12.20 17.72
N LYS B 250 -55.17 -12.92 17.95
CA LYS B 250 -56.50 -12.34 17.88
C LYS B 250 -57.22 -12.65 19.20
N GLY B 251 -57.00 -11.81 20.21
CA GLY B 251 -57.62 -12.01 21.51
C GLY B 251 -56.62 -12.47 22.56
N ASN B 252 -56.76 -13.72 22.97
CA ASN B 252 -55.86 -14.31 23.97
C ASN B 252 -55.44 -15.63 23.32
N CYS B 253 -55.43 -15.61 22.00
CA CYS B 253 -55.09 -16.78 21.21
C CYS B 253 -54.12 -16.44 20.08
N LEU B 254 -53.75 -17.50 19.35
CA LEU B 254 -52.85 -17.40 18.22
C LEU B 254 -53.38 -18.28 17.09
N ASP B 255 -53.64 -17.65 15.95
CA ASP B 255 -54.14 -18.31 14.77
C ASP B 255 -53.15 -19.41 14.36
N VAL B 256 -53.26 -20.61 14.93
CA VAL B 256 -52.36 -21.71 14.58
C VAL B 256 -52.11 -21.73 13.07
N LYS B 257 -53.21 -21.82 12.34
CA LYS B 257 -53.18 -21.88 10.88
C LYS B 257 -52.23 -20.88 10.24
N LYS B 258 -52.26 -19.64 10.73
CA LYS B 258 -51.42 -18.61 10.17
C LYS B 258 -49.99 -18.71 10.71
N LEU B 259 -49.86 -18.98 12.00
CA LEU B 259 -48.54 -19.08 12.64
C LEU B 259 -47.81 -20.37 12.31
N LYS B 260 -48.51 -21.35 11.74
CA LYS B 260 -47.91 -22.64 11.39
C LYS B 260 -47.24 -22.60 10.02
N GLU B 261 -47.66 -21.67 9.19
CA GLU B 261 -47.11 -21.54 7.84
C GLU B 261 -46.04 -20.47 7.73
N LYS B 262 -45.57 -20.00 8.88
CA LYS B 262 -44.52 -18.98 8.95
C LYS B 262 -43.21 -19.59 9.47
N PRO B 263 -42.09 -18.81 9.46
CA PRO B 263 -40.76 -19.22 9.92
C PRO B 263 -40.57 -19.56 11.38
N LEU B 264 -39.98 -20.72 11.63
CA LEU B 264 -39.69 -21.23 12.97
C LEU B 264 -39.11 -20.09 13.80
N ALA B 265 -38.12 -19.43 13.22
CA ALA B 265 -37.48 -18.33 13.90
C ALA B 265 -38.56 -17.42 14.41
N LEU B 266 -39.49 -17.03 13.54
CA LEU B 266 -40.56 -16.14 13.94
C LEU B 266 -41.53 -16.76 14.94
N GLN B 267 -41.98 -17.98 14.63
CA GLN B 267 -42.89 -18.70 15.52
C GLN B 267 -42.41 -18.58 16.95
N ARG B 268 -41.20 -19.09 17.22
CA ARG B 268 -40.60 -19.04 18.55
C ARG B 268 -40.63 -17.61 19.09
N ARG B 269 -40.46 -16.68 18.17
CA ARG B 269 -40.44 -15.27 18.54
C ARG B 269 -41.83 -14.83 18.96
N VAL B 270 -42.82 -15.34 18.25
CA VAL B 270 -44.20 -15.03 18.53
C VAL B 270 -44.58 -15.67 19.86
N ILE B 271 -44.26 -16.97 19.99
CA ILE B 271 -44.55 -17.74 21.20
C ILE B 271 -43.94 -17.08 22.42
N ARG B 272 -42.68 -16.70 22.31
CA ARG B 272 -41.95 -16.08 23.41
C ARG B 272 -42.68 -14.85 23.92
N LYS B 273 -43.12 -14.03 22.98
CA LYS B 273 -43.83 -12.79 23.30
C LYS B 273 -45.18 -13.10 23.97
N PHE B 274 -45.90 -14.06 23.40
CA PHE B 274 -47.20 -14.48 23.89
C PHE B 274 -47.15 -15.05 25.31
N ILE B 275 -46.34 -16.09 25.53
CA ILE B 275 -46.25 -16.72 26.83
C ILE B 275 -45.35 -16.00 27.83
N GLY B 276 -44.81 -14.86 27.44
CA GLY B 276 -43.95 -14.11 28.35
C GLY B 276 -42.70 -14.80 28.86
N GLU B 277 -42.53 -16.09 28.53
CA GLU B 277 -41.33 -16.81 28.95
C GLU B 277 -40.34 -16.81 27.77
N LYS B 278 -39.07 -17.00 28.06
CA LYS B 278 -38.09 -16.95 26.99
C LYS B 278 -37.25 -18.22 26.83
N ASP B 279 -37.16 -19.04 27.88
CA ASP B 279 -36.36 -20.25 27.78
C ASP B 279 -36.81 -21.14 26.62
N TYR B 280 -35.83 -21.71 25.92
CA TYR B 280 -36.04 -22.57 24.75
C TYR B 280 -37.04 -23.72 24.94
N GLU B 281 -36.99 -24.35 26.10
CA GLU B 281 -37.84 -25.49 26.43
C GLU B 281 -39.35 -25.24 26.43
N LYS B 282 -39.80 -24.24 27.17
CA LYS B 282 -41.23 -23.95 27.24
C LYS B 282 -41.78 -23.56 25.88
N VAL B 283 -41.05 -22.68 25.23
CA VAL B 283 -41.42 -22.18 23.92
C VAL B 283 -41.63 -23.32 22.95
N GLU B 284 -40.78 -24.34 23.03
CA GLU B 284 -40.91 -25.49 22.12
C GLU B 284 -42.04 -26.41 22.53
N LEU B 285 -42.33 -26.50 23.83
CA LEU B 285 -43.42 -27.34 24.31
C LEU B 285 -44.69 -26.70 23.78
N VAL B 286 -44.79 -25.39 23.99
CA VAL B 286 -45.93 -24.62 23.54
C VAL B 286 -46.03 -24.69 22.01
N ARG B 287 -44.89 -24.61 21.36
CA ARG B 287 -44.82 -24.63 19.91
C ARG B 287 -45.35 -25.91 19.26
N SER B 288 -45.30 -27.03 19.97
CA SER B 288 -45.78 -28.28 19.38
C SER B 288 -47.30 -28.22 19.16
N LEU B 289 -48.01 -27.49 20.01
CA LEU B 289 -49.46 -27.39 19.85
C LEU B 289 -49.89 -26.92 18.47
N LEU B 290 -49.00 -26.25 17.76
CA LEU B 290 -49.35 -25.77 16.44
C LEU B 290 -49.50 -26.98 15.52
N GLU B 291 -49.01 -28.13 15.98
CA GLU B 291 -49.06 -29.37 15.20
C GLU B 291 -49.73 -30.56 15.93
N LYS B 292 -49.77 -30.54 17.27
CA LYS B 292 -50.39 -31.62 18.06
C LYS B 292 -51.49 -31.13 19.01
N GLY B 293 -52.57 -31.90 19.12
CA GLY B 293 -53.65 -31.53 20.03
C GLY B 293 -53.20 -31.58 21.48
N GLY B 294 -53.94 -30.94 22.36
CA GLY B 294 -53.57 -30.95 23.78
C GLY B 294 -53.31 -29.59 24.41
N GLU B 295 -52.87 -29.60 25.66
CA GLU B 295 -52.57 -28.37 26.38
C GLU B 295 -51.25 -28.48 27.16
N VAL B 296 -50.75 -27.34 27.68
CA VAL B 296 -49.47 -27.33 28.40
C VAL B 296 -49.40 -26.56 29.70
N ASN B 297 -48.64 -27.10 30.67
CA ASN B 297 -48.48 -26.47 31.97
C ASN B 297 -47.05 -26.00 32.15
N LEU B 298 -46.82 -24.72 31.90
CA LEU B 298 -45.48 -24.14 32.03
C LEU B 298 -45.19 -23.73 33.46
N GLY B 299 -45.73 -22.59 33.88
CA GLY B 299 -45.49 -22.11 35.22
C GLY B 299 -46.71 -22.01 36.12
N LYS B 300 -46.69 -21.00 36.98
CA LYS B 300 -47.76 -20.75 37.94
C LYS B 300 -49.15 -20.52 37.32
N GLY B 301 -49.74 -21.57 36.77
CA GLY B 301 -51.05 -21.43 36.17
C GLY B 301 -50.93 -21.11 34.69
N LYS B 302 -49.69 -21.04 34.21
CA LYS B 302 -49.44 -20.78 32.82
C LYS B 302 -49.70 -22.08 32.08
N VAL B 303 -50.93 -22.21 31.60
CA VAL B 303 -51.34 -23.38 30.86
C VAL B 303 -52.09 -22.94 29.60
N LEU B 304 -51.81 -23.61 28.50
CA LEU B 304 -52.44 -23.26 27.23
C LEU B 304 -52.93 -24.50 26.53
N LYS B 305 -54.12 -24.40 25.94
CA LYS B 305 -54.73 -25.52 25.23
C LYS B 305 -54.91 -25.22 23.77
N ARG B 306 -54.90 -26.26 22.95
CA ARG B 306 -55.12 -26.06 21.52
C ARG B 306 -56.53 -26.45 21.13
N LYS B 307 -57.25 -25.51 20.52
CA LYS B 307 -58.58 -25.77 20.04
C LYS B 307 -58.37 -26.32 18.63
N GLU B 308 -59.37 -26.16 17.76
CA GLU B 308 -59.24 -26.67 16.39
C GLU B 308 -58.48 -25.70 15.48
N ARG B 309 -58.67 -24.40 15.71
CA ARG B 309 -58.03 -23.37 14.91
C ARG B 309 -57.32 -22.36 15.80
N TRP B 310 -57.32 -22.59 17.10
CA TRP B 310 -56.69 -21.63 18.00
C TRP B 310 -55.91 -22.20 19.18
N LEU B 311 -54.83 -21.52 19.51
CA LEU B 311 -53.97 -21.86 20.63
C LEU B 311 -54.14 -20.76 21.65
N CYS B 312 -55.09 -20.96 22.55
CA CYS B 312 -55.38 -19.97 23.56
C CYS B 312 -54.89 -20.43 24.91
N PHE B 313 -55.43 -19.77 25.94
CA PHE B 313 -55.08 -20.09 27.30
C PHE B 313 -56.23 -20.72 28.08
N SER B 314 -55.92 -21.12 29.31
CA SER B 314 -56.89 -21.69 30.23
C SER B 314 -57.13 -20.65 31.31
N MET C 1 40.81 6.72 -45.16
CA MET C 1 39.35 6.84 -45.46
C MET C 1 38.99 8.23 -45.98
N ASN C 2 38.30 8.28 -47.11
CA ASN C 2 37.89 9.54 -47.70
C ASN C 2 36.56 10.04 -47.09
N PRO C 3 36.19 11.30 -47.37
CA PRO C 3 34.96 11.89 -46.84
C PRO C 3 33.69 11.09 -47.14
N GLU C 4 33.56 10.57 -48.36
CA GLU C 4 32.37 9.79 -48.70
C GLU C 4 32.29 8.51 -47.89
N SER C 5 33.36 7.71 -47.94
CA SER C 5 33.41 6.46 -47.23
C SER C 5 33.25 6.61 -45.72
N ARG C 6 33.64 7.75 -45.17
CA ARG C 6 33.51 7.98 -43.74
C ARG C 6 32.03 8.02 -43.29
N VAL C 7 31.19 8.61 -44.13
CA VAL C 7 29.75 8.73 -43.87
C VAL C 7 29.06 7.40 -44.11
N ILE C 8 29.38 6.77 -45.24
CA ILE C 8 28.80 5.48 -45.55
C ILE C 8 29.00 4.48 -44.41
N ARG C 9 30.23 4.33 -43.93
CA ARG C 9 30.50 3.39 -42.86
C ARG C 9 29.61 3.65 -41.63
N LYS C 10 29.42 4.92 -41.30
CA LYS C 10 28.59 5.26 -40.16
C LYS C 10 27.13 4.87 -40.42
N VAL C 11 26.72 4.94 -41.67
CA VAL C 11 25.36 4.59 -42.00
C VAL C 11 25.21 3.07 -41.88
N LEU C 12 26.15 2.31 -42.42
CA LEU C 12 26.09 0.87 -42.33
C LEU C 12 26.19 0.48 -40.87
N ALA C 13 26.96 1.27 -40.14
CA ALA C 13 27.10 0.97 -38.74
C ALA C 13 25.75 1.11 -38.02
N LEU C 14 24.98 2.15 -38.42
CA LEU C 14 23.67 2.41 -37.80
C LEU C 14 22.72 1.29 -38.21
N GLN C 15 22.88 0.81 -39.44
CA GLN C 15 22.03 -0.28 -39.91
C GLN C 15 22.25 -1.59 -39.12
N ASN C 16 23.48 -1.78 -38.66
CA ASN C 16 23.85 -2.97 -37.94
C ASN C 16 23.34 -2.88 -36.51
N ASP C 17 23.51 -1.72 -35.89
CA ASP C 17 23.10 -1.52 -34.51
C ASP C 17 21.63 -1.27 -34.26
N GLU C 18 20.91 -0.83 -35.28
CA GLU C 18 19.51 -0.49 -35.08
C GLU C 18 18.56 -1.01 -36.14
N LYS C 19 19.08 -1.74 -37.12
CA LYS C 19 18.25 -2.29 -38.18
C LYS C 19 17.31 -1.25 -38.77
N ILE C 20 17.88 -0.19 -39.32
CA ILE C 20 17.06 0.88 -39.90
C ILE C 20 16.22 0.39 -41.07
N PHE C 21 16.76 -0.54 -41.82
CA PHE C 21 16.02 -1.12 -42.94
C PHE C 21 15.96 -2.62 -42.71
N SER C 22 14.79 -3.21 -42.86
CA SER C 22 14.66 -4.63 -42.62
C SER C 22 13.36 -5.13 -43.18
N GLY C 23 13.14 -4.86 -44.47
CA GLY C 23 11.93 -5.32 -45.11
C GLY C 23 11.29 -4.23 -45.92
N GLU C 24 11.52 -2.98 -45.57
CA GLU C 24 10.96 -1.87 -46.32
C GLU C 24 11.42 -1.97 -47.78
N ARG C 25 10.55 -1.51 -48.68
CA ARG C 25 10.85 -1.57 -50.09
C ARG C 25 10.71 -0.22 -50.76
N ARG C 26 9.90 0.64 -50.16
CA ARG C 26 9.65 1.95 -50.72
C ARG C 26 9.96 3.01 -49.68
N VAL C 27 10.94 3.87 -50.00
CA VAL C 27 11.35 4.89 -49.05
C VAL C 27 11.11 6.30 -49.54
N LEU C 28 10.51 7.10 -48.66
CA LEU C 28 10.22 8.49 -48.95
C LEU C 28 11.18 9.35 -48.15
N ILE C 29 11.90 10.22 -48.84
CA ILE C 29 12.86 11.12 -48.20
C ILE C 29 12.25 12.50 -47.97
N ALA C 30 12.35 13.02 -46.75
CA ALA C 30 11.84 14.35 -46.44
C ALA C 30 12.97 15.26 -46.93
N PHE C 31 12.88 15.65 -48.19
CA PHE C 31 13.91 16.43 -48.88
C PHE C 31 13.75 17.93 -48.81
N SER C 32 14.62 18.61 -48.07
CA SER C 32 14.54 20.06 -47.95
C SER C 32 15.44 20.76 -49.00
N GLY C 33 16.39 20.02 -49.55
CA GLY C 33 17.30 20.61 -50.52
C GLY C 33 18.62 21.05 -49.89
N GLY C 34 18.71 21.03 -48.56
CA GLY C 34 19.94 21.43 -47.91
C GLY C 34 21.02 20.35 -47.91
N VAL C 35 22.20 20.69 -47.37
CA VAL C 35 23.34 19.77 -47.31
C VAL C 35 22.96 18.37 -46.88
N ASP C 36 22.33 18.27 -45.70
CA ASP C 36 21.92 16.98 -45.14
C ASP C 36 20.97 16.21 -46.04
N SER C 37 19.91 16.84 -46.51
CA SER C 37 18.98 16.13 -47.39
C SER C 37 19.69 15.64 -48.62
N VAL C 38 20.61 16.43 -49.14
CA VAL C 38 21.32 16.00 -50.35
C VAL C 38 22.24 14.80 -50.10
N VAL C 39 23.00 14.84 -49.02
CA VAL C 39 23.86 13.71 -48.72
C VAL C 39 23.01 12.47 -48.39
N LEU C 40 21.95 12.65 -47.60
CA LEU C 40 21.07 11.52 -47.24
C LEU C 40 20.63 10.78 -48.51
N THR C 41 20.29 11.58 -49.52
CA THR C 41 19.83 11.05 -50.79
C THR C 41 20.96 10.38 -51.57
N ASP C 42 22.09 11.06 -51.68
CA ASP C 42 23.22 10.50 -52.40
C ASP C 42 23.52 9.13 -51.74
N VAL C 43 23.62 9.10 -50.42
CA VAL C 43 23.88 7.86 -49.70
C VAL C 43 22.84 6.78 -49.95
N LEU C 44 21.55 7.14 -49.90
CA LEU C 44 20.52 6.13 -50.11
C LEU C 44 20.51 5.62 -51.54
N LEU C 45 20.69 6.50 -52.51
CA LEU C 45 20.71 6.04 -53.90
C LEU C 45 21.85 5.05 -54.08
N LYS C 46 22.96 5.32 -53.40
CA LYS C 46 24.14 4.48 -53.47
C LYS C 46 23.95 3.11 -52.78
N LEU C 47 23.31 3.13 -51.60
CA LEU C 47 23.07 1.92 -50.83
C LEU C 47 21.72 1.27 -51.10
N LYS C 48 21.00 1.80 -52.09
CA LYS C 48 19.67 1.31 -52.46
C LYS C 48 19.60 -0.21 -52.65
N ASN C 49 20.37 -0.73 -53.60
CA ASN C 49 20.37 -2.16 -53.83
C ASN C 49 20.84 -2.93 -52.61
N TYR C 50 21.72 -2.32 -51.82
CA TYR C 50 22.21 -3.01 -50.63
C TYR C 50 21.15 -3.20 -49.56
N PHE C 51 20.20 -2.28 -49.50
CA PHE C 51 19.11 -2.35 -48.53
C PHE C 51 17.91 -2.97 -49.19
N SER C 52 18.10 -3.49 -50.39
CA SER C 52 17.07 -4.16 -51.17
C SER C 52 15.83 -3.35 -51.57
N LEU C 53 15.88 -2.03 -51.43
CA LEU C 53 14.75 -1.18 -51.79
C LEU C 53 14.36 -1.24 -53.26
N LYS C 54 13.07 -1.07 -53.54
CA LYS C 54 12.56 -1.01 -54.91
C LYS C 54 12.50 0.47 -55.31
N GLU C 55 12.12 1.33 -54.37
CA GLU C 55 12.01 2.73 -54.74
C GLU C 55 12.30 3.72 -53.65
N VAL C 56 12.99 4.78 -54.05
CA VAL C 56 13.36 5.87 -53.18
C VAL C 56 12.85 7.08 -53.93
N ALA C 57 12.13 7.95 -53.23
CA ALA C 57 11.61 9.13 -53.86
C ALA C 57 11.82 10.30 -52.94
N LEU C 58 11.47 11.50 -53.42
CA LEU C 58 11.65 12.71 -52.63
C LEU C 58 10.34 13.43 -52.41
N ALA C 59 10.18 14.01 -51.23
CA ALA C 59 9.01 14.80 -50.92
C ALA C 59 9.54 16.12 -50.33
N HIS C 60 9.24 17.22 -51.03
CA HIS C 60 9.68 18.55 -50.60
C HIS C 60 8.46 19.41 -50.26
N PHE C 61 8.56 20.17 -49.18
CA PHE C 61 7.46 21.02 -48.75
C PHE C 61 7.93 22.47 -48.84
N ASN C 62 7.06 23.30 -49.40
CA ASN C 62 7.33 24.72 -49.57
C ASN C 62 6.54 25.51 -48.53
N HIS C 63 7.22 25.98 -47.50
CA HIS C 63 6.57 26.72 -46.42
C HIS C 63 6.01 28.09 -46.85
N MET C 64 6.43 28.58 -48.01
CA MET C 64 5.95 29.86 -48.54
C MET C 64 6.27 31.09 -47.67
N LEU C 65 7.23 30.95 -46.76
CA LEU C 65 7.59 32.05 -45.87
C LEU C 65 8.52 33.07 -46.47
N ARG C 66 9.45 32.59 -47.29
CA ARG C 66 10.46 33.45 -47.89
C ARG C 66 10.37 33.52 -49.42
N GLU C 67 11.02 34.53 -49.98
CA GLU C 67 11.04 34.70 -51.42
C GLU C 67 11.84 33.56 -52.03
N SER C 68 12.78 33.02 -51.24
CA SER C 68 13.65 31.94 -51.70
C SER C 68 12.98 30.57 -51.65
N ALA C 69 11.77 30.52 -51.10
CA ALA C 69 11.03 29.27 -51.03
C ALA C 69 10.77 28.74 -52.43
N GLU C 70 10.62 29.64 -53.39
CA GLU C 70 10.37 29.24 -54.78
C GLU C 70 11.66 28.69 -55.37
N ARG C 71 12.79 29.27 -54.99
CA ARG C 71 14.08 28.82 -55.51
C ARG C 71 14.40 27.43 -54.95
N ASP C 72 14.15 27.24 -53.66
CA ASP C 72 14.44 25.96 -53.04
C ASP C 72 13.66 24.87 -53.76
N GLU C 73 12.37 25.13 -53.98
CA GLU C 73 11.52 24.18 -54.68
C GLU C 73 12.14 23.84 -56.04
N GLU C 74 12.50 24.87 -56.81
CA GLU C 74 13.11 24.66 -58.14
C GLU C 74 14.35 23.77 -58.02
N PHE C 75 15.21 24.08 -57.06
CA PHE C 75 16.41 23.30 -56.86
C PHE C 75 16.07 21.83 -56.69
N CYS C 76 15.14 21.53 -55.79
CA CYS C 76 14.74 20.17 -55.51
C CYS C 76 14.24 19.44 -56.75
N LYS C 77 13.51 20.15 -57.61
CA LYS C 77 13.02 19.54 -58.84
C LYS C 77 14.18 19.26 -59.79
N GLU C 78 15.14 20.17 -59.85
CA GLU C 78 16.28 19.95 -60.72
C GLU C 78 17.00 18.73 -60.19
N PHE C 79 17.24 18.74 -58.88
CA PHE C 79 17.94 17.66 -58.21
C PHE C 79 17.32 16.32 -58.53
N ALA C 80 16.00 16.28 -58.42
CA ALA C 80 15.27 15.07 -58.68
C ALA C 80 15.39 14.59 -60.14
N LYS C 81 15.39 15.51 -61.10
CA LYS C 81 15.48 15.11 -62.51
C LYS C 81 16.83 14.55 -62.87
N GLU C 82 17.88 15.10 -62.28
CA GLU C 82 19.24 14.68 -62.57
C GLU C 82 19.49 13.29 -62.03
N ARG C 83 18.72 12.95 -61.00
CA ARG C 83 18.86 11.66 -60.35
C ARG C 83 17.85 10.66 -60.87
N ASN C 84 16.94 11.15 -61.70
CA ASN C 84 15.91 10.31 -62.28
C ASN C 84 15.10 9.75 -61.10
N MET C 85 14.67 10.66 -60.24
CA MET C 85 13.87 10.34 -59.06
C MET C 85 12.50 10.98 -59.17
N LYS C 86 11.54 10.37 -58.50
CA LYS C 86 10.21 10.91 -58.51
C LYS C 86 10.25 11.88 -57.35
N ILE C 87 9.62 13.05 -57.53
CA ILE C 87 9.60 14.02 -56.45
C ILE C 87 8.19 14.58 -56.30
N PHE C 88 7.68 14.54 -55.07
CA PHE C 88 6.37 15.07 -54.76
C PHE C 88 6.67 16.37 -54.05
N VAL C 89 5.89 17.39 -54.34
CA VAL C 89 6.10 18.66 -53.66
C VAL C 89 4.77 19.19 -53.14
N GLY C 90 4.80 19.75 -51.93
CA GLY C 90 3.61 20.31 -51.33
C GLY C 90 3.89 21.77 -51.04
N LYS C 91 2.84 22.58 -50.99
CA LYS C 91 2.95 24.00 -50.72
C LYS C 91 1.75 24.40 -49.84
N GLU C 92 2.05 25.05 -48.72
CA GLU C 92 1.02 25.48 -47.78
C GLU C 92 1.46 26.80 -47.18
N ASP C 93 0.51 27.73 -47.02
CA ASP C 93 0.80 29.04 -46.46
C ASP C 93 0.98 28.94 -44.94
N VAL C 94 2.15 28.51 -44.54
CA VAL C 94 2.46 28.36 -43.13
C VAL C 94 2.01 29.56 -42.32
N ARG C 95 2.39 30.75 -42.80
CA ARG C 95 2.07 32.01 -42.12
C ARG C 95 0.57 32.17 -41.93
N ALA C 96 -0.19 32.01 -43.01
CA ALA C 96 -1.63 32.15 -42.94
C ALA C 96 -2.16 31.18 -41.87
N PHE C 97 -1.71 29.94 -41.98
CA PHE C 97 -2.10 28.88 -41.05
C PHE C 97 -1.74 29.26 -39.62
N ALA C 98 -0.48 29.59 -39.39
CA ALA C 98 -0.02 29.97 -38.05
C ALA C 98 -0.79 31.17 -37.53
N LYS C 99 -1.01 32.14 -38.41
CA LYS C 99 -1.71 33.38 -38.10
C LYS C 99 -3.17 33.18 -37.75
N GLU C 100 -3.69 32.01 -38.05
CA GLU C 100 -5.08 31.72 -37.76
C GLU C 100 -5.31 30.60 -36.74
N ASN C 101 -4.26 29.84 -36.44
CA ASN C 101 -4.35 28.75 -35.49
C ASN C 101 -3.67 29.10 -34.18
N ARG C 102 -3.41 30.38 -33.98
CA ARG C 102 -2.74 30.85 -32.76
C ARG C 102 -1.49 30.02 -32.50
N MET C 103 -0.70 29.80 -33.55
CA MET C 103 0.54 29.02 -33.46
C MET C 103 1.72 29.83 -33.90
N SER C 104 2.92 29.42 -33.47
CA SER C 104 4.13 30.11 -33.90
C SER C 104 4.38 29.64 -35.34
N LEU C 105 5.22 30.32 -36.08
CA LEU C 105 5.48 29.90 -37.46
C LEU C 105 6.23 28.58 -37.49
N GLU C 106 6.85 28.22 -36.37
CA GLU C 106 7.62 26.99 -36.28
C GLU C 106 6.74 25.78 -36.02
N GLU C 107 5.89 25.86 -35.00
CA GLU C 107 5.03 24.73 -34.75
C GLU C 107 4.18 24.55 -36.02
N ALA C 108 3.73 25.66 -36.60
CA ALA C 108 2.90 25.60 -37.81
C ALA C 108 3.61 24.99 -39.02
N GLY C 109 4.87 25.37 -39.23
CA GLY C 109 5.60 24.83 -40.38
C GLY C 109 5.82 23.34 -40.22
N ARG C 110 6.20 22.93 -39.02
CA ARG C 110 6.44 21.53 -38.67
C ARG C 110 5.20 20.72 -38.98
N PHE C 111 4.09 21.12 -38.37
CA PHE C 111 2.82 20.45 -38.54
C PHE C 111 2.39 20.25 -40.01
N LEU C 112 2.41 21.32 -40.80
CA LEU C 112 1.99 21.20 -42.19
C LEU C 112 2.99 20.41 -43.03
N ARG C 113 4.26 20.47 -42.67
CA ARG C 113 5.26 19.71 -43.43
C ARG C 113 5.06 18.21 -43.18
N TYR C 114 4.97 17.85 -41.91
CA TYR C 114 4.80 16.47 -41.50
C TYR C 114 3.45 15.96 -42.07
N LYS C 115 2.43 16.81 -42.05
CA LYS C 115 1.14 16.40 -42.57
C LYS C 115 1.29 16.08 -44.07
N PHE C 116 2.02 16.93 -44.79
CA PHE C 116 2.23 16.71 -46.20
C PHE C 116 2.97 15.39 -46.43
N LEU C 117 3.99 15.13 -45.62
CA LEU C 117 4.75 13.91 -45.77
C LEU C 117 3.87 12.67 -45.59
N LYS C 118 3.03 12.70 -44.54
CA LYS C 118 2.12 11.60 -44.20
C LYS C 118 1.20 11.37 -45.40
N GLU C 119 0.64 12.45 -45.91
CA GLU C 119 -0.24 12.40 -47.09
C GLU C 119 0.43 11.63 -48.22
N ILE C 120 1.69 11.99 -48.54
CA ILE C 120 2.38 11.32 -49.63
C ILE C 120 2.65 9.91 -49.21
N LEU C 121 3.10 9.74 -47.97
CA LEU C 121 3.34 8.37 -47.46
C LEU C 121 2.11 7.45 -47.69
N GLU C 122 0.98 7.92 -47.16
CA GLU C 122 -0.28 7.20 -47.19
C GLU C 122 -0.86 6.94 -48.56
N SER C 123 -0.94 7.97 -49.41
CA SER C 123 -1.54 7.77 -50.72
C SER C 123 -0.61 7.18 -51.75
N GLU C 124 0.69 7.26 -51.55
CA GLU C 124 1.52 6.70 -52.59
C GLU C 124 2.04 5.31 -52.24
N GLY C 125 1.75 4.87 -51.02
CA GLY C 125 2.18 3.55 -50.61
C GLY C 125 3.65 3.39 -50.24
N PHE C 126 4.18 4.31 -49.46
CA PHE C 126 5.58 4.23 -49.05
C PHE C 126 5.62 3.57 -47.68
N ASP C 127 6.70 2.84 -47.39
CA ASP C 127 6.82 2.15 -46.11
C ASP C 127 7.32 2.99 -44.98
N CYS C 128 8.21 3.94 -45.27
CA CYS C 128 8.74 4.78 -44.21
C CYS C 128 9.16 6.11 -44.79
N ILE C 129 9.55 7.02 -43.92
CA ILE C 129 9.99 8.33 -44.32
C ILE C 129 11.39 8.45 -43.75
N ALA C 130 12.33 8.88 -44.58
CA ALA C 130 13.72 9.07 -44.13
C ALA C 130 13.95 10.57 -44.03
N THR C 131 14.51 11.00 -42.89
CA THR C 131 14.78 12.41 -42.67
C THR C 131 16.29 12.52 -42.55
N ALA C 132 16.80 13.74 -42.72
CA ALA C 132 18.22 13.98 -42.67
C ALA C 132 18.72 14.25 -41.26
N HIS C 133 17.95 13.89 -40.23
CA HIS C 133 18.40 14.13 -38.87
C HIS C 133 19.75 13.48 -38.66
N HIS C 134 20.66 14.25 -38.10
CA HIS C 134 22.02 13.77 -37.87
C HIS C 134 22.48 14.01 -36.44
N LEU C 135 23.70 13.56 -36.14
CA LEU C 135 24.25 13.68 -34.80
C LEU C 135 24.26 15.06 -34.17
N ASN C 136 24.36 16.12 -34.98
CA ASN C 136 24.36 17.47 -34.41
C ASN C 136 22.95 17.92 -34.08
N ASP C 137 21.96 17.42 -34.83
CA ASP C 137 20.57 17.75 -34.58
C ASP C 137 20.28 17.16 -33.20
N LEU C 138 20.75 15.92 -33.00
CA LEU C 138 20.53 15.22 -31.74
C LEU C 138 21.14 15.99 -30.60
N LEU C 139 22.31 16.57 -30.84
CA LEU C 139 22.98 17.30 -29.79
C LEU C 139 22.25 18.62 -29.53
N GLU C 140 21.65 19.20 -30.57
CA GLU C 140 20.91 20.45 -30.43
C GLU C 140 19.61 20.20 -29.65
N THR C 141 18.91 19.14 -30.03
CA THR C 141 17.66 18.74 -29.39
C THR C 141 17.92 18.46 -27.90
N SER C 142 18.99 17.73 -27.63
CA SER C 142 19.33 17.38 -26.26
C SER C 142 19.58 18.63 -25.43
N LEU C 143 20.38 19.53 -25.98
CA LEU C 143 20.67 20.76 -25.26
C LEU C 143 19.40 21.58 -25.01
N LEU C 144 18.51 21.56 -25.99
CA LEU C 144 17.28 22.31 -25.92
C LEU C 144 16.43 21.79 -24.76
N PHE C 145 16.26 20.48 -24.66
CA PHE C 145 15.51 19.88 -23.56
C PHE C 145 16.18 20.15 -22.23
N PHE C 146 17.50 20.08 -22.21
CA PHE C 146 18.26 20.37 -20.99
C PHE C 146 17.96 21.80 -20.59
N THR C 147 17.85 22.67 -21.59
CA THR C 147 17.59 24.08 -21.34
C THR C 147 16.20 24.38 -20.84
N ARG C 148 15.22 23.69 -21.41
CA ARG C 148 13.84 23.94 -21.05
C ARG C 148 13.32 23.15 -19.88
N GLY C 149 14.12 22.22 -19.37
CA GLY C 149 13.71 21.38 -18.25
C GLY C 149 13.41 20.00 -18.84
N THR C 150 13.98 18.94 -18.28
CA THR C 150 13.77 17.63 -18.87
C THR C 150 14.24 16.50 -17.98
N GLY C 151 14.07 15.29 -18.48
CA GLY C 151 14.52 14.10 -17.81
C GLY C 151 15.32 13.31 -18.84
N LEU C 152 15.48 12.01 -18.62
CA LEU C 152 16.26 11.21 -19.53
C LEU C 152 15.74 11.28 -20.96
N ASP C 153 14.43 11.34 -21.10
CA ASP C 153 13.86 11.39 -22.45
C ASP C 153 14.40 12.54 -23.30
N GLY C 154 14.39 13.75 -22.75
CA GLY C 154 14.89 14.88 -23.48
C GLY C 154 16.37 14.78 -23.72
N LEU C 155 17.10 14.35 -22.71
CA LEU C 155 18.54 14.21 -22.84
C LEU C 155 18.90 13.29 -23.97
N ILE C 156 18.13 12.21 -24.14
CA ILE C 156 18.38 11.24 -25.20
C ILE C 156 18.01 11.75 -26.60
N GLY C 157 16.86 12.43 -26.68
CA GLY C 157 16.38 12.98 -27.94
C GLY C 157 15.75 11.96 -28.85
N PHE C 158 15.72 12.24 -30.14
CA PHE C 158 15.11 11.31 -31.08
C PHE C 158 15.90 10.01 -31.27
N LEU C 159 15.29 9.03 -31.91
CA LEU C 159 15.94 7.74 -32.09
C LEU C 159 16.16 7.48 -33.56
N PRO C 160 17.09 6.58 -33.89
CA PRO C 160 17.27 6.36 -35.32
C PRO C 160 16.06 5.80 -36.05
N LYS C 161 15.16 5.18 -35.29
CA LYS C 161 13.98 4.58 -35.88
C LYS C 161 12.80 4.84 -34.96
N GLU C 162 11.74 5.45 -35.50
CA GLU C 162 10.54 5.76 -34.73
C GLU C 162 9.31 5.61 -35.61
N GLU C 163 8.50 4.59 -35.30
CA GLU C 163 7.32 4.29 -36.08
C GLU C 163 7.67 4.42 -37.55
N VAL C 164 6.97 5.29 -38.24
CA VAL C 164 7.16 5.52 -39.66
C VAL C 164 8.50 6.14 -40.09
N ILE C 165 9.16 6.81 -39.16
CA ILE C 165 10.41 7.52 -39.43
C ILE C 165 11.71 6.74 -39.33
N ARG C 166 12.67 7.10 -40.21
CA ARG C 166 14.02 6.50 -40.23
C ARG C 166 15.07 7.63 -40.34
N ARG C 167 16.07 7.62 -39.46
CA ARG C 167 17.15 8.61 -39.40
C ARG C 167 18.52 8.00 -39.79
N PRO C 168 18.70 7.62 -41.07
CA PRO C 168 19.97 7.03 -41.50
C PRO C 168 21.29 7.72 -41.14
N LEU C 169 21.25 9.03 -40.92
CA LEU C 169 22.45 9.80 -40.56
C LEU C 169 22.57 10.06 -39.06
N TYR C 170 21.81 9.33 -38.25
CA TYR C 170 21.87 9.51 -36.80
C TYR C 170 23.32 9.66 -36.29
N TYR C 171 24.22 8.75 -36.65
CA TYR C 171 25.62 8.80 -36.18
C TYR C 171 26.54 9.82 -36.86
N VAL C 172 26.06 10.45 -37.92
CA VAL C 172 26.90 11.39 -38.68
C VAL C 172 26.93 12.83 -38.21
N LYS C 173 28.12 13.43 -38.18
CA LYS C 173 28.25 14.84 -37.76
C LYS C 173 27.97 15.70 -38.98
N ARG C 174 27.53 16.93 -38.76
CA ARG C 174 27.25 17.86 -39.84
C ARG C 174 28.51 18.12 -40.64
N SER C 175 29.64 18.28 -39.94
CA SER C 175 30.95 18.47 -40.56
C SER C 175 31.19 17.42 -41.63
N GLU C 176 30.88 16.16 -41.30
CA GLU C 176 31.09 15.05 -42.20
C GLU C 176 30.12 15.11 -43.36
N ILE C 177 28.92 15.63 -43.11
CA ILE C 177 27.95 15.75 -44.18
C ILE C 177 28.51 16.81 -45.15
N GLU C 178 28.99 17.91 -44.59
CA GLU C 178 29.53 18.97 -45.41
C GLU C 178 30.73 18.46 -46.21
N GLU C 179 31.76 17.96 -45.51
CA GLU C 179 32.95 17.44 -46.18
C GLU C 179 32.53 16.45 -47.26
N TYR C 180 31.53 15.66 -46.96
CA TYR C 180 31.02 14.68 -47.91
C TYR C 180 30.43 15.37 -49.15
N ALA C 181 29.75 16.49 -48.94
CA ALA C 181 29.14 17.17 -50.08
C ALA C 181 30.21 17.83 -50.92
N LYS C 182 31.07 18.58 -50.25
CA LYS C 182 32.15 19.29 -50.92
C LYS C 182 33.09 18.30 -51.61
N PHE C 183 33.36 17.18 -50.97
CA PHE C 183 34.23 16.17 -51.53
C PHE C 183 33.72 15.69 -52.88
N LYS C 184 32.44 15.37 -52.96
CA LYS C 184 31.87 14.87 -54.21
C LYS C 184 31.31 16.01 -55.06
N GLY C 185 31.71 17.23 -54.74
CA GLY C 185 31.29 18.41 -55.50
C GLY C 185 29.81 18.54 -55.78
N LEU C 186 28.98 18.39 -54.74
CA LEU C 186 27.54 18.48 -54.88
C LEU C 186 27.06 19.92 -54.71
N ARG C 187 25.79 20.14 -55.04
CA ARG C 187 25.23 21.47 -54.87
C ARG C 187 24.07 21.34 -53.88
N TRP C 188 23.62 22.45 -53.31
CA TRP C 188 22.52 22.42 -52.35
C TRP C 188 22.12 23.82 -51.97
N VAL C 189 21.00 23.95 -51.27
CA VAL C 189 20.57 25.28 -50.84
C VAL C 189 21.28 25.54 -49.54
N GLU C 190 21.83 26.74 -49.44
CA GLU C 190 22.56 27.18 -48.27
C GLU C 190 21.66 27.29 -47.04
N ASP C 191 22.23 26.90 -45.90
CA ASP C 191 21.54 26.95 -44.63
C ASP C 191 21.31 28.41 -44.27
N GLU C 192 20.12 28.71 -43.75
CA GLU C 192 19.80 30.07 -43.36
C GLU C 192 19.46 30.16 -41.87
N THR C 193 19.66 29.07 -41.14
CA THR C 193 19.34 29.06 -39.70
C THR C 193 20.23 30.02 -38.91
N ASN C 194 21.41 30.32 -39.43
CA ASN C 194 22.33 31.26 -38.78
C ASN C 194 21.82 32.69 -38.75
N TYR C 195 20.71 32.99 -39.44
CA TYR C 195 20.16 34.34 -39.43
C TYR C 195 18.83 34.36 -38.68
N GLU C 196 18.47 33.23 -38.09
CA GLU C 196 17.18 33.13 -37.39
C GLU C 196 17.40 32.61 -35.98
N VAL C 197 18.35 33.25 -35.30
CA VAL C 197 18.70 32.89 -33.94
C VAL C 197 17.53 33.11 -32.96
N SER C 198 16.48 33.78 -33.40
CA SER C 198 15.32 33.97 -32.53
C SER C 198 14.75 32.59 -32.19
N ILE C 199 14.86 31.67 -33.15
CA ILE C 199 14.41 30.30 -32.99
C ILE C 199 15.42 29.62 -32.03
N PRO C 200 14.97 29.23 -30.82
CA PRO C 200 15.85 28.58 -29.83
C PRO C 200 16.81 27.53 -30.37
N ARG C 201 16.30 26.64 -31.23
CA ARG C 201 17.15 25.60 -31.81
C ARG C 201 18.37 26.26 -32.44
N ASN C 202 18.09 27.27 -33.27
CA ASN C 202 19.11 28.02 -33.98
C ASN C 202 20.08 28.76 -33.08
N ARG C 203 19.59 29.22 -31.95
CA ARG C 203 20.48 29.91 -31.02
C ARG C 203 21.42 28.90 -30.39
N ILE C 204 20.96 27.66 -30.19
CA ILE C 204 21.77 26.60 -29.57
C ILE C 204 22.79 26.19 -30.60
N ARG C 205 22.31 26.12 -31.83
CA ARG C 205 23.16 25.71 -32.93
C ARG C 205 24.28 26.69 -33.28
N HIS C 206 23.93 27.97 -33.28
CA HIS C 206 24.85 29.02 -33.67
C HIS C 206 25.46 29.90 -32.60
N ARG C 207 25.03 29.79 -31.36
CA ARG C 207 25.62 30.62 -30.33
C ARG C 207 26.05 29.84 -29.08
N VAL C 208 25.64 28.59 -28.98
CA VAL C 208 26.00 27.80 -27.80
C VAL C 208 26.95 26.66 -28.14
N ILE C 209 26.58 25.84 -29.10
CA ILE C 209 27.45 24.74 -29.47
C ILE C 209 28.85 25.22 -29.88
N PRO C 210 28.95 26.30 -30.66
CA PRO C 210 30.28 26.77 -31.05
C PRO C 210 31.12 27.12 -29.80
N GLU C 211 30.47 27.65 -28.76
CA GLU C 211 31.18 27.99 -27.53
C GLU C 211 31.62 26.68 -26.87
N LEU C 212 30.73 25.69 -26.82
CA LEU C 212 31.10 24.43 -26.19
C LEU C 212 32.16 23.67 -26.98
N LYS C 213 32.27 23.94 -28.28
CA LYS C 213 33.26 23.23 -29.05
C LYS C 213 34.66 23.82 -28.80
N ARG C 214 34.71 24.97 -28.14
CA ARG C 214 35.99 25.58 -27.81
C ARG C 214 36.50 25.02 -26.48
N ILE C 215 35.75 24.07 -25.94
CA ILE C 215 36.13 23.42 -24.70
C ILE C 215 36.35 21.96 -25.05
N ASN C 216 35.59 21.47 -26.02
CA ASN C 216 35.72 20.09 -26.47
C ASN C 216 35.38 20.05 -27.95
N GLU C 217 36.41 20.02 -28.78
CA GLU C 217 36.23 20.01 -30.22
C GLU C 217 35.60 18.73 -30.69
N ASN C 218 35.57 17.72 -29.83
CA ASN C 218 34.94 16.43 -30.18
C ASN C 218 33.67 16.22 -29.37
N LEU C 219 32.90 17.29 -29.21
CA LEU C 219 31.65 17.31 -28.46
C LEU C 219 30.62 16.28 -28.95
N GLU C 220 30.52 16.11 -30.27
CA GLU C 220 29.56 15.18 -30.86
C GLU C 220 29.85 13.71 -30.57
N ASP C 221 31.13 13.34 -30.56
CA ASP C 221 31.50 11.95 -30.35
C ASP C 221 31.38 11.65 -28.87
N THR C 222 31.62 12.68 -28.07
CA THR C 222 31.54 12.58 -26.64
C THR C 222 30.07 12.50 -26.26
N PHE C 223 29.24 13.24 -27.00
CA PHE C 223 27.80 13.31 -26.76
C PHE C 223 27.09 11.97 -27.02
N LEU C 224 27.46 11.36 -28.14
CA LEU C 224 26.87 10.10 -28.59
C LEU C 224 27.00 9.05 -27.50
N LYS C 225 28.22 8.92 -26.97
CA LYS C 225 28.52 7.95 -25.92
C LYS C 225 27.54 8.15 -24.78
N MET C 226 27.36 9.39 -24.34
CA MET C 226 26.42 9.65 -23.23
C MET C 226 25.02 9.19 -23.64
N VAL C 227 24.60 9.58 -24.84
CA VAL C 227 23.31 9.18 -25.36
C VAL C 227 23.20 7.67 -25.29
N LYS C 228 24.17 6.96 -25.83
CA LYS C 228 24.11 5.50 -25.80
C LYS C 228 24.03 4.96 -24.39
N VAL C 229 24.72 5.61 -23.46
CA VAL C 229 24.68 5.17 -22.07
C VAL C 229 23.31 5.46 -21.45
N LEU C 230 22.74 6.63 -21.73
CA LEU C 230 21.44 6.99 -21.17
C LEU C 230 20.31 6.17 -21.77
N ARG C 231 20.44 5.77 -23.03
CA ARG C 231 19.39 4.97 -23.61
C ARG C 231 19.22 3.63 -22.90
N ALA C 232 20.33 2.95 -22.64
CA ALA C 232 20.26 1.64 -21.98
C ALA C 232 19.73 1.76 -20.56
N GLU C 233 19.99 2.90 -19.91
CA GLU C 233 19.54 3.07 -18.55
C GLU C 233 18.07 3.43 -18.46
N ARG C 234 17.59 4.18 -19.44
CA ARG C 234 16.17 4.54 -19.48
C ARG C 234 15.45 3.26 -19.81
N GLU C 235 16.07 2.46 -20.66
CA GLU C 235 15.51 1.17 -21.05
C GLU C 235 15.34 0.32 -19.78
N PHE C 236 16.32 0.39 -18.88
CA PHE C 236 16.25 -0.38 -17.64
C PHE C 236 15.20 0.19 -16.70
N LEU C 237 15.15 1.52 -16.60
CA LEU C 237 14.20 2.20 -15.74
C LEU C 237 12.75 1.92 -16.14
N GLU C 238 12.42 2.10 -17.42
CA GLU C 238 11.08 1.84 -17.88
C GLU C 238 10.64 0.39 -17.62
N GLU C 239 11.49 -0.57 -17.95
CA GLU C 239 11.24 -1.99 -17.73
C GLU C 239 10.88 -2.28 -16.27
N GLU C 240 11.65 -1.71 -15.35
CA GLU C 240 11.42 -1.91 -13.93
C GLU C 240 10.13 -1.23 -13.50
N ALA C 241 9.89 -0.04 -14.06
CA ALA C 241 8.71 0.71 -13.76
C ALA C 241 7.49 -0.04 -14.30
N GLN C 242 7.68 -0.77 -15.40
CA GLN C 242 6.62 -1.55 -16.02
C GLN C 242 6.18 -2.71 -15.14
N LYS C 243 7.16 -3.50 -14.69
CA LYS C 243 6.90 -4.64 -13.84
C LYS C 243 6.22 -4.19 -12.55
N LEU C 244 6.64 -3.06 -12.02
CA LEU C 244 6.08 -2.55 -10.79
C LEU C 244 4.68 -2.00 -10.95
N TYR C 245 4.38 -1.55 -12.16
CA TYR C 245 3.09 -0.95 -12.50
C TYR C 245 1.98 -2.00 -12.51
N LYS C 246 2.29 -3.12 -13.14
CA LYS C 246 1.34 -4.21 -13.27
C LYS C 246 1.46 -5.07 -12.02
N GLU C 247 1.78 -4.40 -10.91
CA GLU C 247 1.97 -5.07 -9.64
C GLU C 247 1.29 -4.21 -8.59
N VAL C 248 1.24 -2.92 -8.87
CA VAL C 248 0.65 -1.98 -7.93
C VAL C 248 -0.59 -1.32 -8.48
N LYS C 249 -0.86 -1.52 -9.76
CA LYS C 249 -2.01 -0.91 -10.40
C LYS C 249 -3.19 -1.88 -10.42
N LYS C 250 -4.17 -1.60 -9.58
CA LYS C 250 -5.36 -2.43 -9.48
C LYS C 250 -6.58 -1.61 -9.84
N GLY C 251 -7.15 -1.92 -10.99
CA GLY C 251 -8.32 -1.20 -11.46
C GLY C 251 -7.97 0.24 -11.74
N ASN C 252 -8.77 1.12 -11.18
CA ASN C 252 -8.63 2.56 -11.34
C ASN C 252 -7.72 3.05 -10.23
N CYS C 253 -7.04 2.12 -9.55
CA CYS C 253 -6.20 2.49 -8.40
C CYS C 253 -4.74 2.03 -8.34
N LEU C 254 -4.09 2.54 -7.30
CA LEU C 254 -2.69 2.27 -6.99
C LEU C 254 -2.61 1.74 -5.55
N ASP C 255 -1.92 0.62 -5.37
CA ASP C 255 -1.74 0.01 -4.05
C ASP C 255 -0.65 0.80 -3.33
N VAL C 256 -1.08 1.75 -2.49
CA VAL C 256 -0.14 2.59 -1.74
C VAL C 256 0.88 1.75 -0.99
N LYS C 257 0.40 1.09 0.06
CA LYS C 257 1.23 0.25 0.90
C LYS C 257 2.40 -0.42 0.17
N LYS C 258 2.15 -0.85 -1.05
CA LYS C 258 3.15 -1.53 -1.87
C LYS C 258 4.12 -0.54 -2.55
N LEU C 259 3.56 0.49 -3.18
CA LEU C 259 4.35 1.47 -3.89
C LEU C 259 5.27 2.29 -2.97
N LYS C 260 4.75 2.63 -1.78
CA LYS C 260 5.45 3.43 -0.78
C LYS C 260 6.86 2.97 -0.39
N GLU C 261 7.08 1.66 -0.41
CA GLU C 261 8.37 1.13 -0.02
C GLU C 261 9.30 0.84 -1.18
N LYS C 262 8.95 1.38 -2.35
CA LYS C 262 9.74 1.22 -3.56
C LYS C 262 10.67 2.43 -3.79
N PRO C 263 11.66 2.27 -4.69
CA PRO C 263 12.62 3.34 -5.02
C PRO C 263 11.91 4.56 -5.62
N LEU C 264 12.27 5.74 -5.12
CA LEU C 264 11.66 6.97 -5.58
C LEU C 264 11.68 7.04 -7.10
N ALA C 265 12.78 6.58 -7.68
CA ALA C 265 12.90 6.61 -9.13
C ALA C 265 11.73 5.87 -9.74
N LEU C 266 11.37 4.74 -9.13
CA LEU C 266 10.27 3.95 -9.64
C LEU C 266 8.93 4.49 -9.23
N GLN C 267 8.85 5.13 -8.07
CA GLN C 267 7.58 5.71 -7.63
C GLN C 267 7.12 6.74 -8.67
N ARG C 268 8.00 7.67 -9.00
CA ARG C 268 7.71 8.73 -9.96
C ARG C 268 7.29 8.15 -11.32
N ARG C 269 8.02 7.17 -11.82
CA ARG C 269 7.66 6.57 -13.10
C ARG C 269 6.23 6.07 -13.09
N VAL C 270 5.89 5.36 -12.00
CA VAL C 270 4.55 4.80 -11.81
C VAL C 270 3.54 5.93 -11.83
N ILE C 271 3.69 6.88 -10.93
CA ILE C 271 2.77 8.02 -10.87
C ILE C 271 2.53 8.56 -12.26
N ARG C 272 3.63 8.85 -12.96
CA ARG C 272 3.57 9.39 -14.31
C ARG C 272 2.70 8.55 -15.25
N LYS C 273 3.01 7.27 -15.37
CA LYS C 273 2.26 6.40 -16.25
C LYS C 273 0.80 6.32 -15.79
N PHE C 274 0.57 6.61 -14.50
CA PHE C 274 -0.76 6.57 -13.90
C PHE C 274 -1.63 7.83 -14.04
N ILE C 275 -1.05 9.01 -13.85
CA ILE C 275 -1.85 10.23 -13.96
C ILE C 275 -1.84 10.82 -15.36
N GLY C 276 -1.03 10.26 -16.23
CA GLY C 276 -0.97 10.75 -17.61
C GLY C 276 -0.09 11.96 -17.83
N GLU C 277 0.28 12.65 -16.75
CA GLU C 277 1.13 13.83 -16.85
C GLU C 277 2.58 13.46 -16.53
N LYS C 278 3.52 14.32 -16.91
CA LYS C 278 4.94 14.06 -16.67
C LYS C 278 5.66 15.17 -15.93
N ASP C 279 5.03 16.34 -15.80
CA ASP C 279 5.64 17.47 -15.12
C ASP C 279 5.95 17.19 -13.66
N TYR C 280 7.11 17.67 -13.24
CA TYR C 280 7.60 17.47 -11.89
C TYR C 280 6.60 17.83 -10.80
N GLU C 281 6.16 19.08 -10.81
CA GLU C 281 5.21 19.57 -9.80
C GLU C 281 4.04 18.63 -9.52
N LYS C 282 3.39 18.18 -10.59
CA LYS C 282 2.26 17.29 -10.44
C LYS C 282 2.67 15.93 -9.90
N VAL C 283 3.64 15.31 -10.54
CA VAL C 283 4.10 14.01 -10.09
C VAL C 283 4.33 14.07 -8.57
N GLU C 284 4.98 15.13 -8.13
CA GLU C 284 5.29 15.27 -6.71
C GLU C 284 4.11 15.72 -5.86
N LEU C 285 2.98 15.97 -6.51
CA LEU C 285 1.78 16.38 -5.78
C LEU C 285 1.08 15.08 -5.44
N VAL C 286 1.00 14.21 -6.45
CA VAL C 286 0.38 12.91 -6.32
C VAL C 286 1.26 12.01 -5.46
N ARG C 287 2.57 12.11 -5.64
CA ARG C 287 3.48 11.28 -4.87
C ARG C 287 3.30 11.52 -3.38
N SER C 288 3.15 12.78 -2.98
CA SER C 288 3.00 13.11 -1.57
C SER C 288 1.86 12.31 -0.91
N LEU C 289 0.81 12.02 -1.68
CA LEU C 289 -0.31 11.27 -1.15
C LEU C 289 0.00 9.81 -0.80
N LEU C 290 1.28 9.46 -0.82
CA LEU C 290 1.66 8.11 -0.47
C LEU C 290 1.88 8.12 1.03
N GLU C 291 2.18 9.29 1.58
CA GLU C 291 2.37 9.40 3.01
C GLU C 291 1.15 10.01 3.72
N LYS C 292 0.80 11.24 3.38
CA LYS C 292 -0.38 11.88 3.97
C LYS C 292 -1.53 11.46 3.05
N GLY C 293 -2.74 11.36 3.59
CA GLY C 293 -3.88 10.97 2.76
C GLY C 293 -4.72 12.14 2.31
N GLY C 294 -5.55 11.93 1.27
CA GLY C 294 -6.41 13.02 0.80
C GLY C 294 -6.77 13.03 -0.68
N GLU C 295 -7.03 14.22 -1.20
CA GLU C 295 -7.39 14.41 -2.60
C GLU C 295 -6.42 15.33 -3.30
N VAL C 296 -6.34 15.18 -4.62
CA VAL C 296 -5.46 15.98 -5.45
C VAL C 296 -6.20 16.49 -6.67
N ASN C 297 -6.15 17.80 -6.90
CA ASN C 297 -6.81 18.41 -8.04
C ASN C 297 -5.79 18.79 -9.10
N LEU C 298 -5.83 18.11 -10.25
CA LEU C 298 -4.90 18.39 -11.33
C LEU C 298 -5.37 19.54 -12.21
N GLY C 299 -6.62 19.52 -12.63
CA GLY C 299 -7.09 20.62 -13.45
C GLY C 299 -8.29 20.34 -14.32
N LYS C 300 -8.04 19.68 -15.45
CA LYS C 300 -9.11 19.37 -16.39
C LYS C 300 -10.04 18.29 -15.85
N GLY C 301 -10.21 18.26 -14.54
CA GLY C 301 -11.08 17.26 -13.96
C GLY C 301 -10.34 16.04 -13.47
N LYS C 302 -9.00 16.07 -13.58
CA LYS C 302 -8.19 14.96 -13.11
C LYS C 302 -8.05 15.12 -11.61
N VAL C 303 -8.63 14.19 -10.86
CA VAL C 303 -8.57 14.23 -9.41
C VAL C 303 -8.15 12.89 -8.82
N LEU C 304 -7.14 12.94 -7.96
CA LEU C 304 -6.64 11.74 -7.32
C LEU C 304 -6.99 11.78 -5.85
N LYS C 305 -7.51 10.66 -5.37
CA LYS C 305 -7.91 10.55 -3.97
C LYS C 305 -7.37 9.27 -3.35
N ARG C 306 -7.27 9.26 -2.03
CA ARG C 306 -6.76 8.10 -1.32
C ARG C 306 -7.66 7.65 -0.17
N LYS C 307 -8.06 6.39 -0.24
CA LYS C 307 -8.89 5.76 0.77
C LYS C 307 -7.95 5.42 1.93
N GLU C 308 -7.34 4.24 1.81
CA GLU C 308 -6.44 3.74 2.83
C GLU C 308 -5.20 3.19 2.14
N ARG C 309 -5.37 2.02 1.54
CA ARG C 309 -4.30 1.34 0.85
C ARG C 309 -4.41 1.60 -0.64
N TRP C 310 -5.37 2.43 -1.04
CA TRP C 310 -5.54 2.71 -2.45
C TRP C 310 -5.51 4.17 -2.86
N LEU C 311 -4.75 4.45 -3.91
CA LEU C 311 -4.70 5.79 -4.46
C LEU C 311 -5.53 5.63 -5.73
N CYS C 312 -6.68 6.28 -5.79
CA CYS C 312 -7.55 6.11 -6.94
C CYS C 312 -7.95 7.40 -7.63
N PHE C 313 -8.42 7.24 -8.86
CA PHE C 313 -8.94 8.38 -9.57
C PHE C 313 -10.38 8.45 -9.06
N SER C 314 -11.07 9.53 -9.36
CA SER C 314 -12.43 9.70 -8.88
C SER C 314 -13.42 9.88 -10.04
N MET D 1 9.04 38.93 1.68
CA MET D 1 10.35 38.23 1.83
C MET D 1 11.50 39.15 1.40
N ASN D 2 12.42 39.42 2.31
CA ASN D 2 13.55 40.27 1.97
C ASN D 2 14.71 39.40 1.48
N PRO D 3 15.79 40.03 0.99
CA PRO D 3 16.95 39.29 0.50
C PRO D 3 17.57 38.28 1.47
N GLU D 4 17.86 38.71 2.69
CA GLU D 4 18.45 37.83 3.69
C GLU D 4 17.58 36.59 3.92
N SER D 5 16.31 36.81 4.23
CA SER D 5 15.39 35.73 4.49
C SER D 5 15.17 34.88 3.24
N ARG D 6 15.52 35.41 2.07
CA ARG D 6 15.36 34.66 0.83
C ARG D 6 16.33 33.46 0.89
N VAL D 7 17.59 33.75 1.21
CA VAL D 7 18.63 32.74 1.32
C VAL D 7 18.34 31.80 2.47
N ILE D 8 18.11 32.38 3.64
CA ILE D 8 17.83 31.61 4.84
C ILE D 8 16.76 30.55 4.61
N ARG D 9 15.72 30.90 3.87
CA ARG D 9 14.68 29.93 3.60
C ARG D 9 15.26 28.77 2.76
N LYS D 10 16.10 29.09 1.77
CA LYS D 10 16.71 28.08 0.91
C LYS D 10 17.71 27.21 1.64
N VAL D 11 18.42 27.78 2.60
CA VAL D 11 19.35 26.99 3.35
C VAL D 11 18.51 26.06 4.25
N LEU D 12 17.51 26.60 4.93
CA LEU D 12 16.68 25.77 5.79
C LEU D 12 16.05 24.66 4.97
N ALA D 13 15.54 25.00 3.79
CA ALA D 13 14.93 23.97 2.95
C ALA D 13 15.96 22.90 2.66
N LEU D 14 17.19 23.34 2.39
CA LEU D 14 18.27 22.39 2.10
C LEU D 14 18.54 21.52 3.34
N GLN D 15 18.53 22.14 4.53
CA GLN D 15 18.76 21.40 5.76
C GLN D 15 17.72 20.33 5.95
N ASN D 16 16.47 20.68 5.69
CA ASN D 16 15.40 19.72 5.87
C ASN D 16 15.45 18.60 4.85
N ASP D 17 15.60 18.95 3.57
CA ASP D 17 15.64 17.94 2.52
C ASP D 17 16.85 17.02 2.54
N GLU D 18 17.98 17.49 3.07
CA GLU D 18 19.17 16.66 3.04
C GLU D 18 19.85 16.38 4.37
N LYS D 19 19.34 16.95 5.47
CA LYS D 19 19.97 16.74 6.77
C LYS D 19 21.47 17.04 6.62
N ILE D 20 21.78 18.32 6.40
CA ILE D 20 23.14 18.77 6.21
C ILE D 20 23.92 18.72 7.50
N PHE D 21 23.27 19.11 8.58
CA PHE D 21 23.89 19.08 9.89
C PHE D 21 23.01 18.21 10.75
N SER D 22 23.59 17.14 11.25
CA SER D 22 22.83 16.21 12.07
C SER D 22 23.70 15.77 13.25
N GLY D 23 24.09 16.74 14.06
CA GLY D 23 24.94 16.44 15.20
C GLY D 23 26.35 16.96 15.05
N GLU D 24 26.72 17.40 13.85
CA GLU D 24 28.08 17.94 13.64
C GLU D 24 28.30 19.07 14.66
N ARG D 25 29.54 19.25 15.09
CA ARG D 25 29.85 20.28 16.08
C ARG D 25 30.79 21.38 15.57
N ARG D 26 32.01 21.01 15.23
CA ARG D 26 33.00 21.95 14.73
C ARG D 26 33.01 21.93 13.20
N VAL D 27 32.63 23.05 12.59
CA VAL D 27 32.59 23.14 11.13
C VAL D 27 33.66 24.06 10.54
N LEU D 28 34.34 23.57 9.50
CA LEU D 28 35.40 24.32 8.84
C LEU D 28 34.88 24.87 7.51
N ILE D 29 35.00 26.17 7.31
CA ILE D 29 34.52 26.81 6.09
C ILE D 29 35.63 27.12 5.09
N ALA D 30 35.56 26.54 3.90
CA ALA D 30 36.53 26.80 2.83
C ALA D 30 36.24 28.23 2.42
N PHE D 31 37.00 29.18 2.98
CA PHE D 31 36.75 30.61 2.75
C PHE D 31 37.59 31.39 1.74
N SER D 32 37.02 31.71 0.58
CA SER D 32 37.79 32.47 -0.44
C SER D 32 37.62 33.99 -0.34
N GLY D 33 36.75 34.44 0.55
CA GLY D 33 36.52 35.86 0.65
C GLY D 33 35.64 36.32 -0.52
N GLY D 34 35.13 35.38 -1.30
CA GLY D 34 34.30 35.75 -2.42
C GLY D 34 32.90 36.06 -1.94
N VAL D 35 32.08 36.65 -2.79
CA VAL D 35 30.72 36.96 -2.37
C VAL D 35 30.06 35.74 -1.71
N ASP D 36 30.35 34.56 -2.25
CA ASP D 36 29.81 33.29 -1.77
C ASP D 36 30.30 32.85 -0.38
N SER D 37 31.60 32.71 -0.22
CA SER D 37 32.16 32.32 1.07
C SER D 37 31.70 33.28 2.15
N VAL D 38 31.70 34.57 1.83
CA VAL D 38 31.29 35.59 2.79
C VAL D 38 29.84 35.44 3.24
N VAL D 39 28.93 35.30 2.29
CA VAL D 39 27.55 35.15 2.66
C VAL D 39 27.43 33.79 3.36
N LEU D 40 28.25 32.83 2.94
CA LEU D 40 28.16 31.51 3.51
C LEU D 40 28.37 31.63 4.99
N THR D 41 29.45 32.30 5.34
CA THR D 41 29.83 32.50 6.71
C THR D 41 28.84 33.38 7.45
N ASP D 42 28.29 34.39 6.78
CA ASP D 42 27.34 35.25 7.46
C ASP D 42 26.14 34.40 7.85
N VAL D 43 25.80 33.47 6.98
CA VAL D 43 24.68 32.58 7.20
C VAL D 43 24.98 31.53 8.27
N LEU D 44 26.13 30.87 8.15
CA LEU D 44 26.51 29.87 9.12
C LEU D 44 26.55 30.43 10.53
N LEU D 45 27.20 31.57 10.70
CA LEU D 45 27.29 32.20 12.01
C LEU D 45 25.92 32.59 12.52
N LYS D 46 25.04 33.01 11.63
CA LYS D 46 23.71 33.41 12.04
C LYS D 46 22.90 32.23 12.55
N LEU D 47 23.02 31.09 11.89
CA LEU D 47 22.29 29.89 12.27
C LEU D 47 23.16 28.90 13.04
N LYS D 48 24.20 29.41 13.70
CA LYS D 48 25.11 28.56 14.46
C LYS D 48 24.35 27.71 15.48
N ASN D 49 23.55 28.38 16.31
CA ASN D 49 22.78 27.69 17.32
C ASN D 49 21.72 26.79 16.72
N TYR D 50 20.96 27.35 15.80
CA TYR D 50 19.92 26.58 15.15
C TYR D 50 20.48 25.24 14.67
N PHE D 51 21.78 25.20 14.39
CA PHE D 51 22.40 23.97 13.93
C PHE D 51 23.19 23.27 15.03
N SER D 52 23.09 23.79 16.24
CA SER D 52 23.80 23.22 17.39
C SER D 52 25.30 23.15 17.10
N LEU D 53 25.80 24.14 16.37
CA LEU D 53 27.21 24.18 16.04
C LEU D 53 27.99 24.79 17.20
N LYS D 54 29.07 24.13 17.59
CA LYS D 54 29.89 24.61 18.69
C LYS D 54 30.90 25.59 18.15
N GLU D 55 31.54 25.22 17.05
CA GLU D 55 32.57 26.07 16.46
C GLU D 55 32.47 26.21 14.95
N VAL D 56 32.79 27.40 14.44
CA VAL D 56 32.78 27.66 13.01
C VAL D 56 34.07 28.38 12.68
N ALA D 57 34.86 27.82 11.77
CA ALA D 57 36.13 28.44 11.40
C ALA D 57 36.27 28.70 9.90
N LEU D 58 37.35 29.38 9.54
CA LEU D 58 37.64 29.68 8.17
C LEU D 58 38.88 28.95 7.74
N ALA D 59 39.32 29.20 6.52
CA ALA D 59 40.51 28.57 5.96
C ALA D 59 40.66 29.13 4.57
N HIS D 60 41.58 30.08 4.43
CA HIS D 60 41.83 30.69 3.15
C HIS D 60 43.12 30.13 2.56
N PHE D 61 43.08 29.81 1.28
CA PHE D 61 44.25 29.29 0.60
C PHE D 61 44.76 30.39 -0.32
N ASN D 62 46.07 30.52 -0.42
CA ASN D 62 46.67 31.54 -1.27
C ASN D 62 47.39 30.81 -2.41
N HIS D 63 46.86 30.93 -3.63
CA HIS D 63 47.47 30.30 -4.78
C HIS D 63 48.68 31.09 -5.28
N MET D 64 48.81 32.31 -4.78
CA MET D 64 49.92 33.21 -5.13
C MET D 64 50.06 33.44 -6.62
N LEU D 65 49.36 32.64 -7.40
CA LEU D 65 49.40 32.75 -8.85
C LEU D 65 49.36 34.22 -9.27
N ARG D 66 48.78 35.06 -8.43
CA ARG D 66 48.71 36.50 -8.71
C ARG D 66 48.92 37.38 -7.49
N GLU D 67 49.08 38.67 -7.73
CA GLU D 67 49.31 39.64 -6.66
C GLU D 67 48.10 39.84 -5.75
N SER D 68 46.93 40.08 -6.36
CA SER D 68 45.71 40.29 -5.58
C SER D 68 45.56 39.21 -4.51
N ALA D 69 46.08 38.02 -4.80
CA ALA D 69 46.03 36.89 -3.88
C ALA D 69 46.61 37.20 -2.50
N GLU D 70 47.71 37.94 -2.50
CA GLU D 70 48.40 38.33 -1.27
C GLU D 70 47.54 39.33 -0.52
N ARG D 71 46.67 39.95 -1.28
CA ARG D 71 45.74 40.99 -0.86
C ARG D 71 44.40 40.42 -0.38
N ASP D 72 43.96 39.36 -1.06
CA ASP D 72 42.72 38.69 -0.74
C ASP D 72 42.85 38.10 0.66
N GLU D 73 43.95 37.41 0.88
CA GLU D 73 44.25 36.78 2.16
C GLU D 73 43.95 37.74 3.29
N GLU D 74 44.55 38.91 3.19
CA GLU D 74 44.37 39.95 4.18
C GLU D 74 42.92 40.29 4.42
N PHE D 75 42.14 40.42 3.35
CA PHE D 75 40.73 40.74 3.51
C PHE D 75 40.11 39.64 4.36
N CYS D 76 40.62 38.43 4.19
CA CYS D 76 40.12 37.28 4.91
C CYS D 76 40.52 37.32 6.38
N LYS D 77 41.79 37.61 6.63
CA LYS D 77 42.27 37.67 8.00
C LYS D 77 41.50 38.74 8.76
N GLU D 78 41.34 39.89 8.09
CA GLU D 78 40.61 41.02 8.66
C GLU D 78 39.17 40.59 8.91
N PHE D 79 38.63 39.86 7.95
CA PHE D 79 37.26 39.39 8.04
C PHE D 79 37.13 38.45 9.22
N ALA D 80 38.12 37.57 9.37
CA ALA D 80 38.13 36.62 10.46
C ALA D 80 38.12 37.39 11.78
N LYS D 81 39.05 38.32 11.91
CA LYS D 81 39.15 39.12 13.12
C LYS D 81 37.81 39.81 13.39
N GLU D 82 37.29 40.49 12.38
CA GLU D 82 36.00 41.19 12.49
C GLU D 82 34.93 40.28 13.07
N ARG D 83 34.87 39.06 12.57
CA ARG D 83 33.89 38.09 13.01
C ARG D 83 34.34 37.38 14.29
N ASN D 84 35.56 37.67 14.74
CA ASN D 84 36.09 37.07 15.97
C ASN D 84 36.03 35.55 15.88
N MET D 85 36.53 35.01 14.78
CA MET D 85 36.53 33.59 14.52
C MET D 85 37.97 33.15 14.26
N LYS D 86 38.20 31.88 13.99
CA LYS D 86 39.56 31.42 13.73
C LYS D 86 39.77 31.28 12.23
N ILE D 87 41.02 31.39 11.77
CA ILE D 87 41.29 31.27 10.35
C ILE D 87 42.64 30.62 10.10
N PHE D 88 42.67 29.66 9.19
CA PHE D 88 43.90 28.99 8.84
C PHE D 88 44.21 29.37 7.41
N VAL D 89 45.43 29.85 7.17
CA VAL D 89 45.81 30.29 5.84
C VAL D 89 46.89 29.41 5.19
N GLY D 90 46.61 28.94 3.99
CA GLY D 90 47.55 28.10 3.28
C GLY D 90 48.16 28.76 2.06
N LYS D 91 49.46 29.00 2.14
CA LYS D 91 50.14 29.61 1.03
C LYS D 91 51.13 28.61 0.46
N GLU D 92 50.67 27.84 -0.52
CA GLU D 92 51.52 26.91 -1.23
C GLU D 92 51.48 27.64 -2.56
N ASP D 93 52.54 27.61 -3.34
CA ASP D 93 52.47 28.36 -4.55
C ASP D 93 52.52 27.56 -5.83
N VAL D 94 51.28 27.37 -6.25
CA VAL D 94 50.76 26.61 -7.36
C VAL D 94 51.25 26.65 -8.80
N ARG D 95 51.65 27.81 -9.30
CA ARG D 95 52.09 27.82 -10.69
C ARG D 95 53.23 26.81 -10.85
N ALA D 96 53.87 26.58 -9.69
CA ALA D 96 55.18 25.67 -9.68
C ALA D 96 54.96 24.17 -9.64
N PHE D 97 53.90 23.87 -9.02
CA PHE D 97 53.45 22.43 -8.85
C PHE D 97 52.63 21.86 -10.09
N ALA D 98 52.21 22.76 -10.95
CA ALA D 98 51.47 22.43 -12.10
C ALA D 98 52.61 22.01 -12.97
N LYS D 99 53.69 22.77 -12.93
CA LYS D 99 54.86 22.44 -13.75
C LYS D 99 55.66 21.18 -13.38
N GLU D 100 55.90 20.97 -12.08
CA GLU D 100 56.63 19.80 -11.64
C GLU D 100 55.65 18.65 -11.39
N ASN D 101 54.55 18.68 -12.15
CA ASN D 101 53.53 17.65 -12.01
C ASN D 101 52.58 17.47 -13.21
N ARG D 102 52.77 18.26 -14.25
CA ARG D 102 51.89 18.14 -15.40
C ARG D 102 50.47 18.31 -15.03
N MET D 103 50.24 18.92 -13.89
CA MET D 103 48.90 19.14 -13.42
C MET D 103 48.57 20.50 -13.94
N SER D 104 47.41 21.00 -13.59
CA SER D 104 47.04 22.26 -14.17
C SER D 104 46.87 23.39 -13.21
N LEU D 105 46.64 24.57 -13.79
CA LEU D 105 46.45 25.79 -13.05
C LEU D 105 44.97 25.96 -12.72
N GLU D 106 44.11 25.42 -13.58
CA GLU D 106 42.68 25.50 -13.32
C GLU D 106 42.39 24.40 -12.31
N GLU D 107 43.27 23.41 -12.24
CA GLU D 107 43.07 22.32 -11.29
C GLU D 107 44.19 22.03 -10.29
N ALA D 108 45.24 22.82 -10.31
CA ALA D 108 46.25 22.61 -9.29
C ALA D 108 45.54 23.48 -8.27
N GLY D 109 45.02 24.61 -8.76
CA GLY D 109 44.29 25.53 -7.91
C GLY D 109 43.38 24.78 -6.97
N ARG D 110 42.76 23.73 -7.48
CA ARG D 110 41.85 22.93 -6.69
C ARG D 110 42.52 21.78 -5.95
N PHE D 111 43.24 20.92 -6.66
CA PHE D 111 43.90 19.80 -6.01
C PHE D 111 44.56 20.24 -4.71
N LEU D 112 45.07 21.46 -4.75
CA LEU D 112 45.78 22.04 -3.62
C LEU D 112 44.90 22.60 -2.52
N ARG D 113 43.95 23.46 -2.88
CA ARG D 113 43.03 24.02 -1.90
C ARG D 113 42.45 22.82 -1.19
N TYR D 114 42.06 21.84 -1.99
CA TYR D 114 41.50 20.60 -1.50
C TYR D 114 42.48 20.10 -0.43
N LYS D 115 43.75 19.99 -0.81
CA LYS D 115 44.79 19.50 0.10
C LYS D 115 44.81 20.13 1.49
N PHE D 116 44.73 21.45 1.59
CA PHE D 116 44.75 22.07 2.91
C PHE D 116 43.41 22.31 3.57
N LEU D 117 42.33 22.21 2.81
CA LEU D 117 41.01 22.36 3.41
C LEU D 117 40.89 21.07 4.20
N LYS D 118 41.50 20.04 3.63
CA LYS D 118 41.49 18.71 4.20
C LYS D 118 42.51 18.56 5.32
N GLU D 119 43.68 19.18 5.14
CA GLU D 119 44.73 19.12 6.16
C GLU D 119 44.18 19.65 7.47
N ILE D 120 43.85 20.94 7.46
CA ILE D 120 43.32 21.64 8.62
C ILE D 120 42.26 20.85 9.36
N LEU D 121 41.36 20.19 8.62
CA LEU D 121 40.32 19.39 9.26
C LEU D 121 41.00 18.36 10.15
N GLU D 122 41.99 17.69 9.58
CA GLU D 122 42.76 16.64 10.26
C GLU D 122 43.61 17.15 11.42
N SER D 123 44.52 18.06 11.12
CA SER D 123 45.41 18.63 12.13
C SER D 123 44.71 19.45 13.22
N GLU D 124 43.55 20.03 12.88
CA GLU D 124 42.78 20.84 13.82
C GLU D 124 41.57 20.11 14.38
N GLY D 125 41.33 18.92 13.86
CA GLY D 125 40.20 18.16 14.35
C GLY D 125 38.88 18.92 14.27
N PHE D 126 38.34 19.00 13.06
CA PHE D 126 37.04 19.63 12.78
C PHE D 126 36.17 18.49 12.26
N ASP D 127 34.87 18.72 12.19
CA ASP D 127 33.96 17.66 11.74
C ASP D 127 33.74 17.55 10.25
N CYS D 128 33.28 18.64 9.65
CA CYS D 128 32.99 18.67 8.23
C CYS D 128 33.45 20.00 7.69
N ILE D 129 33.54 20.08 6.36
CA ILE D 129 33.99 21.31 5.72
C ILE D 129 32.81 21.92 4.97
N ALA D 130 32.57 23.19 5.20
CA ALA D 130 31.48 23.90 4.51
C ALA D 130 32.03 24.57 3.26
N THR D 131 31.39 24.29 2.14
CA THR D 131 31.80 24.85 0.88
C THR D 131 30.79 25.89 0.47
N ALA D 132 31.21 26.85 -0.35
CA ALA D 132 30.29 27.90 -0.77
C ALA D 132 29.71 27.61 -2.14
N HIS D 133 29.63 26.32 -2.49
CA HIS D 133 29.07 25.91 -3.77
C HIS D 133 27.59 26.27 -3.75
N HIS D 134 27.08 26.77 -4.88
CA HIS D 134 25.69 27.16 -4.97
C HIS D 134 25.00 26.65 -6.22
N LEU D 135 23.74 26.99 -6.37
CA LEU D 135 22.98 26.52 -7.51
C LEU D 135 23.64 26.82 -8.86
N ASN D 136 24.22 28.00 -9.02
CA ASN D 136 24.85 28.35 -10.31
C ASN D 136 26.11 27.56 -10.60
N ASP D 137 26.81 27.18 -9.53
CA ASP D 137 28.01 26.37 -9.65
C ASP D 137 27.52 24.99 -10.11
N LEU D 138 26.36 24.59 -9.59
CA LEU D 138 25.88 23.29 -9.97
C LEU D 138 25.61 23.33 -11.46
N LEU D 139 24.78 24.27 -11.90
CA LEU D 139 24.42 24.43 -13.32
C LEU D 139 25.66 24.42 -14.22
N GLU D 140 26.70 25.15 -13.80
CA GLU D 140 27.93 25.24 -14.56
C GLU D 140 28.70 23.91 -14.64
N THR D 141 28.92 23.28 -13.49
CA THR D 141 29.66 22.03 -13.42
C THR D 141 28.96 20.99 -14.27
N SER D 142 27.64 21.01 -14.20
CA SER D 142 26.83 20.07 -14.97
C SER D 142 27.06 20.26 -16.48
N LEU D 143 26.92 21.50 -16.95
CA LEU D 143 27.12 21.87 -18.36
C LEU D 143 28.55 21.48 -18.77
N LEU D 144 29.51 21.76 -17.90
CA LEU D 144 30.89 21.43 -18.19
C LEU D 144 31.04 19.92 -18.39
N PHE D 145 30.51 19.13 -17.46
CA PHE D 145 30.60 17.67 -17.59
C PHE D 145 29.88 17.24 -18.87
N PHE D 146 28.74 17.87 -19.16
CA PHE D 146 28.01 17.53 -20.37
C PHE D 146 28.90 17.78 -21.61
N THR D 147 29.72 18.81 -21.55
CA THR D 147 30.59 19.16 -22.65
C THR D 147 31.75 18.21 -22.85
N ARG D 148 32.33 17.76 -21.74
CA ARG D 148 33.47 16.88 -21.80
C ARG D 148 33.14 15.42 -22.00
N GLY D 149 31.93 15.02 -21.60
CA GLY D 149 31.56 13.62 -21.72
C GLY D 149 31.26 13.12 -20.33
N THR D 150 30.16 12.40 -20.16
CA THR D 150 29.78 11.92 -18.85
C THR D 150 28.50 11.14 -18.85
N GLY D 151 28.16 10.65 -17.67
CA GLY D 151 26.92 9.92 -17.49
C GLY D 151 26.13 10.69 -16.46
N LEU D 152 25.18 10.04 -15.82
CA LEU D 152 24.36 10.70 -14.79
C LEU D 152 25.17 11.41 -13.72
N ASP D 153 26.20 10.73 -13.24
CA ASP D 153 27.03 11.26 -12.18
C ASP D 153 27.49 12.67 -12.51
N GLY D 154 27.93 12.86 -13.75
CA GLY D 154 28.37 14.18 -14.16
C GLY D 154 27.20 15.12 -14.29
N LEU D 155 26.10 14.64 -14.87
CA LEU D 155 24.93 15.48 -15.05
C LEU D 155 24.39 16.06 -13.75
N ILE D 156 24.52 15.30 -12.65
CA ILE D 156 24.03 15.71 -11.34
C ILE D 156 24.98 16.69 -10.65
N GLY D 157 26.24 16.69 -11.08
CA GLY D 157 27.23 17.59 -10.49
C GLY D 157 27.50 17.23 -9.06
N PHE D 158 27.72 18.21 -8.20
CA PHE D 158 27.99 17.91 -6.80
C PHE D 158 26.71 17.71 -6.01
N LEU D 159 26.82 17.05 -4.87
CA LEU D 159 25.68 16.78 -4.01
C LEU D 159 25.77 17.71 -2.81
N PRO D 160 24.63 17.99 -2.17
CA PRO D 160 24.64 18.87 -1.01
C PRO D 160 25.47 18.31 0.16
N LYS D 161 25.60 16.98 0.22
CA LYS D 161 26.40 16.36 1.27
C LYS D 161 27.19 15.24 0.65
N GLU D 162 28.49 15.21 0.89
CA GLU D 162 29.39 14.32 0.18
C GLU D 162 30.65 13.89 0.91
N GLU D 163 30.61 12.71 1.51
CA GLU D 163 31.55 12.34 2.56
C GLU D 163 31.53 13.45 3.61
N VAL D 164 32.72 13.96 3.94
CA VAL D 164 32.83 15.10 4.85
C VAL D 164 32.60 16.53 4.39
N ILE D 165 32.03 16.69 3.21
CA ILE D 165 31.75 18.02 2.66
C ILE D 165 30.27 18.39 2.76
N ARG D 166 30.00 19.64 3.05
CA ARG D 166 28.64 20.13 3.17
C ARG D 166 28.53 21.41 2.33
N ARG D 167 27.48 21.49 1.52
CA ARG D 167 27.27 22.64 0.63
C ARG D 167 25.89 23.21 0.96
N PRO D 168 25.86 24.12 1.94
CA PRO D 168 24.67 24.80 2.45
C PRO D 168 23.98 25.75 1.48
N LEU D 169 24.68 26.16 0.42
CA LEU D 169 24.09 27.08 -0.55
C LEU D 169 23.61 26.42 -1.82
N TYR D 170 23.57 25.10 -1.78
CA TYR D 170 23.16 24.28 -2.91
C TYR D 170 21.96 24.77 -3.70
N TYR D 171 20.93 25.23 -3.00
CA TYR D 171 19.69 25.72 -3.60
C TYR D 171 19.71 27.19 -4.03
N VAL D 172 20.63 27.95 -3.46
CA VAL D 172 20.72 29.37 -3.74
C VAL D 172 21.40 29.77 -5.06
N LYS D 173 20.84 30.79 -5.70
CA LYS D 173 21.33 31.31 -6.96
C LYS D 173 22.36 32.38 -6.67
N ARG D 174 23.29 32.56 -7.61
CA ARG D 174 24.33 33.57 -7.43
C ARG D 174 23.65 34.92 -7.22
N SER D 175 22.63 35.20 -8.02
CA SER D 175 21.93 36.48 -7.90
C SER D 175 21.39 36.74 -6.51
N GLU D 176 20.87 35.70 -5.86
CA GLU D 176 20.32 35.83 -4.50
C GLU D 176 21.42 36.03 -3.47
N ILE D 177 22.62 35.56 -3.79
CA ILE D 177 23.75 35.71 -2.89
C ILE D 177 24.15 37.17 -2.88
N GLU D 178 24.40 37.69 -4.08
CA GLU D 178 24.81 39.08 -4.27
C GLU D 178 23.78 40.01 -3.63
N GLU D 179 22.52 39.74 -3.89
CA GLU D 179 21.45 40.55 -3.31
C GLU D 179 21.59 40.52 -1.79
N TYR D 180 21.82 39.32 -1.24
CA TYR D 180 21.98 39.10 0.19
C TYR D 180 23.07 40.01 0.73
N ALA D 181 24.25 39.94 0.12
CA ALA D 181 25.37 40.76 0.52
C ALA D 181 25.00 42.24 0.48
N LYS D 182 24.19 42.64 -0.49
CA LYS D 182 23.80 44.05 -0.59
C LYS D 182 22.95 44.46 0.58
N PHE D 183 21.81 43.80 0.76
CA PHE D 183 20.91 44.13 1.86
C PHE D 183 21.65 44.15 3.19
N LYS D 184 22.78 43.43 3.24
CA LYS D 184 23.57 43.30 4.47
C LYS D 184 24.86 44.12 4.58
N GLY D 185 25.16 44.93 3.57
CA GLY D 185 26.36 45.74 3.63
C GLY D 185 27.61 44.90 3.91
N LEU D 186 27.69 43.78 3.22
CA LEU D 186 28.84 42.91 3.41
C LEU D 186 29.86 43.23 2.34
N ARG D 187 31.13 42.99 2.65
CA ARG D 187 32.19 43.25 1.70
C ARG D 187 32.78 41.92 1.27
N TRP D 188 33.46 41.94 0.13
CA TRP D 188 34.10 40.75 -0.40
C TRP D 188 35.13 41.11 -1.47
N VAL D 189 35.90 40.11 -1.88
CA VAL D 189 36.92 40.27 -2.90
C VAL D 189 36.34 39.75 -4.20
N GLU D 190 37.03 39.98 -5.31
CA GLU D 190 36.48 39.47 -6.55
C GLU D 190 37.55 39.06 -7.53
N ASP D 191 37.43 37.80 -7.92
CA ASP D 191 38.30 37.13 -8.86
C ASP D 191 38.61 37.95 -10.13
N GLU D 192 39.89 38.31 -10.34
CA GLU D 192 40.31 39.08 -11.52
C GLU D 192 40.60 38.15 -12.69
N THR D 193 39.77 37.11 -12.80
CA THR D 193 39.91 36.16 -13.88
C THR D 193 38.45 35.94 -14.28
N ASN D 194 37.68 37.02 -14.11
CA ASN D 194 36.28 37.09 -14.48
C ASN D 194 36.52 37.40 -15.94
N TYR D 195 35.53 37.19 -16.80
CA TYR D 195 35.79 37.48 -18.20
C TYR D 195 37.07 36.72 -18.50
N GLU D 196 37.00 35.40 -18.44
CA GLU D 196 38.14 34.54 -18.69
C GLU D 196 37.69 33.33 -19.47
N VAL D 197 37.22 33.62 -20.67
CA VAL D 197 36.72 32.63 -21.59
C VAL D 197 37.72 31.48 -21.77
N SER D 198 38.98 31.74 -21.46
CA SER D 198 40.04 30.73 -21.56
C SER D 198 39.77 29.60 -20.58
N ILE D 199 39.27 29.97 -19.41
CA ILE D 199 38.91 29.01 -18.37
C ILE D 199 37.49 28.58 -18.75
N PRO D 200 37.32 27.31 -19.12
CA PRO D 200 36.01 26.78 -19.51
C PRO D 200 34.87 27.25 -18.60
N ARG D 201 35.05 27.02 -17.30
CA ARG D 201 34.05 27.39 -16.31
C ARG D 201 33.54 28.81 -16.52
N ASN D 202 34.38 29.67 -17.10
CA ASN D 202 33.98 31.05 -17.36
C ASN D 202 33.34 31.21 -18.74
N ARG D 203 33.82 30.44 -19.72
CA ARG D 203 33.23 30.53 -21.04
C ARG D 203 31.77 30.19 -20.84
N ILE D 204 31.55 29.09 -20.12
CA ILE D 204 30.21 28.65 -19.83
C ILE D 204 29.39 29.66 -19.06
N ARG D 205 30.00 30.29 -18.06
CA ARG D 205 29.29 31.28 -17.25
C ARG D 205 28.94 32.57 -17.99
N HIS D 206 29.90 33.12 -18.72
CA HIS D 206 29.67 34.39 -19.40
C HIS D 206 29.17 34.27 -20.82
N ARG D 207 29.39 33.13 -21.45
CA ARG D 207 28.93 33.01 -22.81
C ARG D 207 27.79 32.01 -22.99
N VAL D 208 27.85 30.89 -22.28
CA VAL D 208 26.81 29.87 -22.43
C VAL D 208 25.54 30.05 -21.60
N ILE D 209 25.65 30.32 -20.29
CA ILE D 209 24.43 30.47 -19.51
C ILE D 209 23.56 31.63 -19.99
N PRO D 210 24.18 32.77 -20.38
CA PRO D 210 23.35 33.89 -20.85
C PRO D 210 22.54 33.56 -22.13
N GLU D 211 23.13 32.83 -23.07
CA GLU D 211 22.39 32.50 -24.28
C GLU D 211 21.23 31.61 -23.90
N LEU D 212 21.53 30.56 -23.14
CA LEU D 212 20.48 29.64 -22.71
C LEU D 212 19.38 30.39 -21.97
N LYS D 213 19.75 31.42 -21.22
CA LYS D 213 18.76 32.21 -20.52
C LYS D 213 17.87 33.01 -21.49
N ARG D 214 18.27 33.08 -22.76
CA ARG D 214 17.46 33.78 -23.76
C ARG D 214 16.35 32.83 -24.19
N ILE D 215 16.56 31.54 -23.91
CA ILE D 215 15.59 30.49 -24.22
C ILE D 215 14.71 30.28 -22.96
N ASN D 216 15.35 30.13 -21.79
CA ASN D 216 14.64 29.93 -20.55
C ASN D 216 15.18 30.83 -19.45
N GLU D 217 14.43 31.87 -19.12
CA GLU D 217 14.86 32.82 -18.10
C GLU D 217 14.98 32.19 -16.72
N ASN D 218 14.25 31.09 -16.49
CA ASN D 218 14.35 30.40 -15.20
C ASN D 218 15.11 29.09 -15.35
N LEU D 219 16.29 29.20 -15.95
CA LEU D 219 17.14 28.05 -16.20
C LEU D 219 17.54 27.36 -14.90
N GLU D 220 18.05 28.14 -13.96
CA GLU D 220 18.47 27.59 -12.68
C GLU D 220 17.39 26.75 -11.98
N ASP D 221 16.18 27.27 -11.84
CA ASP D 221 15.14 26.51 -11.14
C ASP D 221 14.62 25.31 -11.90
N THR D 222 14.71 25.36 -13.22
CA THR D 222 14.23 24.28 -14.05
C THR D 222 15.30 23.19 -14.02
N PHE D 223 16.53 23.65 -13.89
CA PHE D 223 17.69 22.77 -13.85
C PHE D 223 17.66 21.98 -12.54
N LEU D 224 17.42 22.68 -11.43
CA LEU D 224 17.35 22.03 -10.12
C LEU D 224 16.42 20.81 -10.14
N LYS D 225 15.23 20.97 -10.71
CA LYS D 225 14.31 19.86 -10.77
C LYS D 225 14.93 18.65 -11.47
N MET D 226 15.46 18.88 -12.67
CA MET D 226 16.08 17.79 -13.43
C MET D 226 17.08 17.04 -12.54
N VAL D 227 17.89 17.79 -11.80
CA VAL D 227 18.88 17.17 -10.95
C VAL D 227 18.20 16.25 -9.95
N LYS D 228 17.17 16.78 -9.28
CA LYS D 228 16.44 16.03 -8.27
C LYS D 228 15.94 14.71 -8.84
N VAL D 229 15.48 14.76 -10.06
CA VAL D 229 14.97 13.58 -10.72
C VAL D 229 16.09 12.63 -11.13
N LEU D 230 17.20 13.16 -11.64
CA LEU D 230 18.29 12.27 -12.05
C LEU D 230 18.99 11.67 -10.84
N ARG D 231 19.11 12.44 -9.77
CA ARG D 231 19.75 11.93 -8.54
C ARG D 231 19.06 10.65 -8.06
N ALA D 232 17.73 10.63 -8.16
CA ALA D 232 16.94 9.48 -7.72
C ALA D 232 17.12 8.26 -8.63
N GLU D 233 17.21 8.51 -9.94
CA GLU D 233 17.38 7.42 -10.87
C GLU D 233 18.81 6.86 -10.86
N ARG D 234 19.78 7.67 -10.41
CA ARG D 234 21.16 7.21 -10.34
C ARG D 234 21.26 6.35 -9.10
N GLU D 235 20.65 6.85 -8.03
CA GLU D 235 20.60 6.15 -6.76
C GLU D 235 20.12 4.71 -7.00
N PHE D 236 18.99 4.59 -7.70
CA PHE D 236 18.44 3.28 -8.02
C PHE D 236 19.41 2.45 -8.90
N LEU D 237 19.97 3.06 -9.93
CA LEU D 237 20.90 2.31 -10.79
C LEU D 237 22.11 1.81 -9.98
N GLU D 238 22.64 2.69 -9.12
CA GLU D 238 23.76 2.35 -8.27
C GLU D 238 23.36 1.14 -7.43
N GLU D 239 22.24 1.27 -6.72
CA GLU D 239 21.72 0.21 -5.87
C GLU D 239 21.64 -1.11 -6.63
N GLU D 240 20.87 -1.09 -7.71
CA GLU D 240 20.70 -2.30 -8.49
C GLU D 240 22.03 -2.83 -9.00
N ALA D 241 22.99 -1.93 -9.22
CA ALA D 241 24.28 -2.38 -9.71
C ALA D 241 25.04 -3.00 -8.55
N GLN D 242 24.92 -2.37 -7.38
CA GLN D 242 25.57 -2.88 -6.17
C GLN D 242 25.23 -4.35 -5.96
N LYS D 243 23.95 -4.67 -5.97
CA LYS D 243 23.50 -6.03 -5.76
C LYS D 243 24.06 -6.98 -6.83
N LEU D 244 24.00 -6.55 -8.09
CA LEU D 244 24.48 -7.40 -9.18
C LEU D 244 25.98 -7.64 -9.01
N TYR D 245 26.69 -6.59 -8.64
CA TYR D 245 28.12 -6.68 -8.45
C TYR D 245 28.39 -7.79 -7.45
N LYS D 246 27.75 -7.71 -6.30
CA LYS D 246 27.91 -8.72 -5.25
C LYS D 246 27.58 -10.14 -5.77
N GLU D 247 26.51 -10.28 -6.54
CA GLU D 247 26.14 -11.59 -7.08
C GLU D 247 27.26 -12.16 -7.94
N VAL D 248 27.95 -11.30 -8.68
CA VAL D 248 29.02 -11.73 -9.55
C VAL D 248 30.35 -11.65 -8.80
N LYS D 249 31.28 -10.77 -9.17
CA LYS D 249 32.57 -10.71 -8.48
C LYS D 249 32.66 -11.73 -7.37
N LYS D 250 32.95 -12.96 -7.73
CA LYS D 250 33.10 -14.02 -6.76
C LYS D 250 34.57 -14.40 -6.77
N GLY D 251 35.39 -13.38 -6.52
CA GLY D 251 36.83 -13.53 -6.50
C GLY D 251 37.47 -12.32 -7.17
N ASN D 252 38.77 -12.41 -7.38
CA ASN D 252 39.52 -11.35 -8.05
C ASN D 252 39.03 -11.36 -9.51
N CYS D 253 37.98 -12.16 -9.75
CA CYS D 253 37.40 -12.32 -11.08
C CYS D 253 35.90 -11.99 -11.22
N LEU D 254 35.18 -12.82 -11.97
CA LEU D 254 33.78 -12.56 -12.27
C LEU D 254 33.15 -13.78 -12.93
N ASP D 255 31.85 -13.72 -13.21
CA ASP D 255 31.22 -14.79 -13.95
C ASP D 255 30.77 -14.04 -15.18
N VAL D 256 30.96 -14.60 -16.36
CA VAL D 256 30.51 -13.92 -17.55
C VAL D 256 29.05 -14.25 -17.67
N LYS D 257 28.75 -15.52 -17.34
CA LYS D 257 27.34 -15.94 -17.40
C LYS D 257 26.54 -15.58 -16.21
N LYS D 258 26.54 -14.30 -15.95
CA LYS D 258 25.70 -13.71 -14.93
C LYS D 258 25.55 -12.25 -15.31
N LEU D 259 26.65 -11.67 -15.75
CA LEU D 259 26.56 -10.35 -16.27
C LEU D 259 26.00 -10.29 -17.68
N LYS D 260 26.18 -11.34 -18.48
CA LYS D 260 25.72 -11.35 -19.86
C LYS D 260 24.21 -11.25 -20.00
N GLU D 261 23.47 -12.10 -19.31
CA GLU D 261 22.01 -12.05 -19.45
C GLU D 261 21.35 -11.03 -18.52
N LYS D 262 22.12 -10.05 -18.06
CA LYS D 262 21.60 -9.00 -17.21
C LYS D 262 21.56 -7.70 -18.05
N PRO D 263 20.73 -6.70 -17.66
CA PRO D 263 20.57 -5.41 -18.35
C PRO D 263 21.87 -4.68 -18.71
N LEU D 264 21.93 -4.17 -19.94
CA LEU D 264 23.13 -3.47 -20.39
C LEU D 264 23.55 -2.36 -19.42
N ALA D 265 22.57 -1.72 -18.80
CA ALA D 265 22.81 -0.63 -17.89
C ALA D 265 23.56 -1.05 -16.64
N LEU D 266 23.15 -2.17 -16.04
CA LEU D 266 23.80 -2.67 -14.84
C LEU D 266 25.09 -3.38 -15.27
N GLN D 267 25.03 -4.00 -16.43
CA GLN D 267 26.17 -4.72 -17.00
C GLN D 267 27.35 -3.76 -17.07
N ARG D 268 27.09 -2.52 -17.47
CA ARG D 268 28.12 -1.50 -17.57
C ARG D 268 28.52 -0.98 -16.21
N ARG D 269 27.54 -0.73 -15.34
CA ARG D 269 27.80 -0.22 -14.00
C ARG D 269 28.67 -1.19 -13.23
N VAL D 270 28.42 -2.48 -13.40
CA VAL D 270 29.21 -3.51 -12.72
C VAL D 270 30.66 -3.47 -13.20
N ILE D 271 30.84 -3.50 -14.52
CA ILE D 271 32.17 -3.44 -15.14
C ILE D 271 32.88 -2.21 -14.59
N ARG D 272 32.14 -1.11 -14.48
CA ARG D 272 32.68 0.14 -13.99
C ARG D 272 33.27 0.01 -12.58
N LYS D 273 32.55 -0.66 -11.68
CA LYS D 273 33.00 -0.86 -10.29
C LYS D 273 34.20 -1.79 -10.23
N PHE D 274 34.16 -2.85 -11.04
CA PHE D 274 35.20 -3.86 -11.17
C PHE D 274 36.52 -3.28 -11.70
N ILE D 275 36.57 -2.95 -12.98
CA ILE D 275 37.82 -2.42 -13.55
C ILE D 275 38.26 -1.07 -12.95
N GLY D 276 37.35 -0.38 -12.26
CA GLY D 276 37.72 0.90 -11.67
C GLY D 276 37.91 2.02 -12.68
N GLU D 277 37.06 2.05 -13.70
CA GLU D 277 37.12 3.06 -14.76
C GLU D 277 35.71 3.59 -15.06
N LYS D 278 35.61 4.85 -15.48
CA LYS D 278 34.33 5.43 -15.78
C LYS D 278 34.20 5.76 -17.26
N ASP D 279 35.28 5.57 -18.00
CA ASP D 279 35.27 5.89 -19.42
C ASP D 279 34.46 4.88 -20.24
N TYR D 280 33.79 5.40 -21.26
CA TYR D 280 32.96 4.58 -22.13
C TYR D 280 33.75 3.50 -22.88
N GLU D 281 34.74 3.93 -23.66
CA GLU D 281 35.57 3.03 -24.46
C GLU D 281 36.16 1.84 -23.67
N LYS D 282 36.83 2.12 -22.56
CA LYS D 282 37.42 1.04 -21.77
C LYS D 282 36.37 0.11 -21.16
N VAL D 283 35.23 0.65 -20.74
CA VAL D 283 34.19 -0.21 -20.16
C VAL D 283 33.66 -1.16 -21.20
N GLU D 284 33.35 -0.64 -22.38
CA GLU D 284 32.81 -1.47 -23.46
C GLU D 284 33.92 -2.38 -23.98
N LEU D 285 35.15 -1.88 -23.96
CA LEU D 285 36.26 -2.69 -24.41
C LEU D 285 36.29 -3.98 -23.57
N VAL D 286 35.98 -3.84 -22.28
CA VAL D 286 35.96 -4.99 -21.36
C VAL D 286 34.65 -5.78 -21.41
N ARG D 287 33.53 -5.09 -21.65
CA ARG D 287 32.24 -5.77 -21.73
C ARG D 287 32.19 -6.73 -22.92
N SER D 288 32.95 -6.43 -23.98
CA SER D 288 32.96 -7.28 -25.17
C SER D 288 33.62 -8.63 -24.91
N LEU D 289 34.36 -8.73 -23.80
CA LEU D 289 35.01 -9.98 -23.43
C LEU D 289 33.96 -10.97 -22.87
N LEU D 290 32.77 -10.45 -22.60
CA LEU D 290 31.69 -11.29 -22.12
C LEU D 290 31.21 -12.08 -23.33
N GLU D 291 31.34 -11.47 -24.50
CA GLU D 291 30.94 -12.10 -25.75
C GLU D 291 32.02 -13.07 -26.26
N LYS D 292 33.26 -12.62 -26.29
CA LYS D 292 34.37 -13.45 -26.76
C LYS D 292 35.53 -13.45 -25.78
N GLY D 293 36.39 -14.47 -25.87
CA GLY D 293 37.53 -14.55 -24.97
C GLY D 293 38.75 -13.75 -25.39
N GLY D 294 39.70 -13.61 -24.48
CA GLY D 294 40.91 -12.87 -24.83
C GLY D 294 41.38 -11.90 -23.79
N GLU D 295 42.21 -10.94 -24.21
CA GLU D 295 42.73 -9.94 -23.30
C GLU D 295 42.59 -8.54 -23.88
N VAL D 296 42.69 -7.54 -23.00
CA VAL D 296 42.60 -6.15 -23.40
C VAL D 296 43.41 -5.34 -22.41
N ASN D 297 44.43 -4.64 -22.90
CA ASN D 297 45.24 -3.79 -22.05
C ASN D 297 44.67 -2.40 -22.21
N LEU D 298 43.94 -1.95 -21.20
CA LEU D 298 43.32 -0.66 -21.23
C LEU D 298 44.39 0.37 -20.94
N GLY D 299 45.56 -0.10 -20.49
CA GLY D 299 46.68 0.77 -20.24
C GLY D 299 47.03 0.75 -18.78
N LYS D 300 47.69 1.81 -18.31
CA LYS D 300 48.05 1.99 -16.92
C LYS D 300 48.06 0.74 -16.00
N GLY D 301 48.75 -0.32 -16.41
CA GLY D 301 48.79 -1.54 -15.60
C GLY D 301 47.51 -2.34 -15.71
N LYS D 302 46.48 -1.72 -16.27
CA LYS D 302 45.15 -2.31 -16.46
C LYS D 302 45.04 -3.27 -17.67
N VAL D 303 44.89 -4.56 -17.38
CA VAL D 303 44.77 -5.63 -18.40
C VAL D 303 43.75 -6.65 -17.81
N LEU D 304 42.97 -7.35 -18.63
CA LEU D 304 41.90 -8.28 -18.16
C LEU D 304 41.67 -9.56 -19.03
N LYS D 305 41.08 -10.65 -18.44
CA LYS D 305 40.83 -11.92 -19.19
C LYS D 305 39.39 -12.39 -19.67
N ARG D 306 39.25 -13.62 -20.20
CA ARG D 306 38.06 -14.18 -20.93
C ARG D 306 36.56 -14.67 -20.60
N LYS D 307 35.93 -15.31 -21.63
CA LYS D 307 34.54 -15.92 -21.54
C LYS D 307 34.83 -16.91 -20.40
N GLU D 308 35.13 -18.16 -20.72
CA GLU D 308 35.56 -19.07 -19.64
C GLU D 308 34.86 -18.88 -18.26
N ARG D 309 33.57 -18.54 -18.26
CA ARG D 309 32.85 -18.34 -17.00
C ARG D 309 33.55 -17.36 -16.03
N TRP D 310 34.77 -16.92 -16.33
CA TRP D 310 35.47 -16.00 -15.43
C TRP D 310 36.29 -14.94 -16.14
N LEU D 311 35.97 -13.69 -15.84
CA LEU D 311 36.66 -12.52 -16.40
C LEU D 311 37.59 -12.09 -15.27
N CYS D 312 38.90 -12.13 -15.50
CA CYS D 312 39.82 -11.77 -14.43
C CYS D 312 40.65 -10.52 -14.56
N PHE D 313 41.82 -10.49 -13.93
CA PHE D 313 42.62 -9.27 -13.91
C PHE D 313 44.14 -9.45 -14.04
#